data_7VY0
#
_entry.id   7VY0
#
_cell.length_a   1.00
_cell.length_b   1.00
_cell.length_c   1.00
_cell.angle_alpha   90.00
_cell.angle_beta   90.00
_cell.angle_gamma   90.00
#
_symmetry.space_group_name_H-M   'P 1'
#
loop_
_entity.id
_entity.type
_entity.pdbx_description
1 polymer 'Capsid protein VP1'
2 polymer 'Capsid protein VP2'
3 polymer 'Capsid protein VP3'
4 polymer 'Capsid protein VP4'
5 non-polymer 'PALMITIC ACID'
#
loop_
_entity_poly.entity_id
_entity_poly.type
_entity_poly.pdbx_seq_one_letter_code
_entity_poly.pdbx_strand_id
1 'polypeptide(L)'
;GPVEDVITAAIGRVADTVGTGPTNSEAIPALTAAETGHTSQVVPGDTMQTRHVKNYHSRSESTVENFLCRSACVYFTEYK
NSGSKRYAEWVVTTRQAAQLRRKLEFFTYIRFDLELTFVITSTQQPSTTQNQDAQILTHQIMYVPPGGPVPDKVDSYVWQ
TSTNPSVFWTEGNAPPRMSIPFLSIGNAYSNFYDGWSEFSRNGVYGINTLNNMGTLYARHVNTGSTGPIKSTIRIYFKPK
HVKAWIPRPPRLCQYEKAKNVNFQPSGVTTTRQSITTMTNTGAF
;
A
2 'polypeptide(L)'
;SPTVEECGYSDRVRSITLGNSTITTQECANVVVGYGVWPDYLKDSEATAEDQPTQPDVATCRFYTLDSVQWQKTSPGWWW
KLPDALSNLGLFGQNMQYHYLGRTGYTIHVQCNASKFHQGCLLVVCVPEAEMGCATLDNTPSSAELLGGDAAKEFAGEPI
ASGSNKLVQRVVYNAGMGIGVGNLTIFPHQWINLRTNNSATIVMPYTNSVPMDNMFRHNNITLMVIPFVPLDYCPGSTTY
VPITVTIAPMCAEYNGLRLASHQ
;
B
3 'polypeptide(L)'
;GLPTMNTPGSCQFLTSDDFQSPSAMPQYDVTPEMKIPGEVKNLMEIAEVDSVVPVQNVGEKVNSMEAYQIPVRSNEGSGT
QVFGFPLQPGYSSVFSRTLLGEILNYYTHWSGSIKLTFMFCGSAMATGKFLLAYSPPGAGAPTKRVDAMLGTHVVWDVGL
QSSCVLCIPWISQTHYRYVASDEYTAGGFITCWYQTNIVVPADAQSSCYIMCFVSACNDFSVRLLKDTPFISQNSFFQ
;
C
4 'polypeptide(L)' MGAQVSTQKTGAHETGLNASGNSIIHYTNINYYKDAASNSATRQDFAQDPGKFTEPVKDIMIKSLPALN D
#
loop_
_chem_comp.id
_chem_comp.type
_chem_comp.name
_chem_comp.formula
PLM non-polymer 'PALMITIC ACID' 'C16 H32 O2'
#
# COMPACT_ATOMS: atom_id res chain seq x y z
N ARG A 13 10.54 -12.75 -16.99
CA ARG A 13 10.79 -12.05 -18.23
C ARG A 13 9.59 -11.24 -18.69
N VAL A 14 9.85 -10.03 -19.13
CA VAL A 14 8.81 -9.14 -19.66
C VAL A 14 8.17 -9.77 -20.88
N ALA A 15 6.85 -9.62 -21.00
CA ALA A 15 6.15 -10.13 -22.17
C ALA A 15 6.47 -9.28 -23.39
N ASP A 16 6.19 -9.83 -24.56
CA ASP A 16 6.45 -9.16 -25.83
C ASP A 16 5.14 -8.87 -26.54
N THR A 17 5.10 -7.78 -27.29
CA THR A 17 3.90 -7.42 -28.02
C THR A 17 3.73 -8.31 -29.24
N VAL A 18 2.48 -8.47 -29.69
CA VAL A 18 2.20 -9.31 -30.89
C VAL A 18 1.76 -8.39 -32.05
N GLY A 19 2.21 -8.68 -33.27
CA GLY A 19 1.83 -7.85 -34.44
C GLY A 19 0.34 -7.95 -34.74
N THR A 20 -0.27 -6.84 -35.16
CA THR A 20 -1.72 -6.83 -35.48
C THR A 20 -1.98 -6.04 -36.77
N GLY A 21 -3.14 -6.26 -37.41
CA GLY A 21 -3.48 -5.59 -38.67
C GLY A 21 -4.84 -4.94 -38.60
N PRO A 22 -5.22 -4.01 -39.50
CA PRO A 22 -6.50 -3.29 -39.41
C PRO A 22 -7.72 -4.19 -39.20
N THR A 23 -8.60 -3.83 -38.25
CA THR A 23 -9.76 -4.65 -37.95
C THR A 23 -11.03 -3.81 -38.04
N ASN A 24 -12.16 -4.49 -38.25
CA ASN A 24 -13.47 -3.80 -38.27
C ASN A 24 -14.50 -4.79 -37.70
N SER A 25 -14.53 -4.96 -36.38
CA SER A 25 -15.42 -5.98 -35.76
C SER A 25 -16.29 -5.37 -34.67
N GLU A 26 -17.45 -5.97 -34.39
CA GLU A 26 -18.39 -5.44 -33.38
C GLU A 26 -17.73 -5.45 -32.00
N ALA A 27 -17.03 -6.53 -31.65
CA ALA A 27 -16.43 -6.65 -30.30
C ALA A 27 -15.39 -5.55 -30.12
N ILE A 28 -15.43 -4.84 -28.99
CA ILE A 28 -14.49 -3.70 -28.75
C ILE A 28 -13.76 -3.90 -27.41
N PRO A 29 -12.43 -4.14 -27.42
CA PRO A 29 -11.66 -4.30 -26.19
C PRO A 29 -11.58 -3.00 -25.38
N ALA A 30 -11.41 -1.85 -26.05
CA ALA A 30 -11.23 -0.57 -25.32
C ALA A 30 -12.42 -0.27 -24.41
N LEU A 31 -13.65 -0.50 -24.88
CA LEU A 31 -14.83 -0.13 -24.05
C LEU A 31 -15.05 -1.24 -23.01
N THR A 32 -15.13 -0.87 -21.73
CA THR A 32 -15.30 -1.86 -20.64
C THR A 32 -16.20 -1.26 -19.56
N ALA A 33 -16.09 -1.75 -18.32
CA ALA A 33 -16.87 -1.21 -17.22
C ALA A 33 -15.98 -1.16 -15.99
N ALA A 34 -15.57 0.04 -15.60
CA ALA A 34 -14.65 0.20 -14.48
C ALA A 34 -15.35 0.13 -13.13
N GLU A 35 -16.69 0.00 -13.13
CA GLU A 35 -17.45 -0.07 -11.85
C GLU A 35 -17.30 -1.47 -11.26
N THR A 36 -16.97 -2.45 -12.10
CA THR A 36 -16.83 -3.87 -11.64
C THR A 36 -15.66 -4.03 -10.66
N GLY A 37 -14.67 -3.14 -10.73
CA GLY A 37 -13.47 -3.29 -9.87
C GLY A 37 -12.44 -4.17 -10.57
N HIS A 38 -12.42 -4.17 -11.90
CA HIS A 38 -11.49 -5.03 -12.67
C HIS A 38 -10.57 -4.17 -13.54
N THR A 39 -9.26 -4.46 -13.53
CA THR A 39 -8.30 -3.70 -14.37
C THR A 39 -8.31 -4.29 -15.79
N SER A 40 -8.75 -3.50 -16.77
CA SER A 40 -8.87 -4.01 -18.16
C SER A 40 -7.47 -4.11 -18.77
N GLN A 41 -6.98 -5.33 -18.98
CA GLN A 41 -5.61 -5.50 -19.52
C GLN A 41 -5.70 -5.35 -21.04
N VAL A 42 -5.25 -4.22 -21.56
CA VAL A 42 -5.36 -3.97 -23.03
C VAL A 42 -3.95 -3.88 -23.61
N VAL A 43 -3.61 -4.77 -24.54
CA VAL A 43 -2.29 -4.67 -25.23
C VAL A 43 -2.34 -3.48 -26.18
N PRO A 44 -1.23 -2.76 -26.45
CA PRO A 44 -1.25 -1.67 -27.43
C PRO A 44 -1.90 -2.15 -28.74
N GLY A 45 -1.89 -3.46 -28.99
CA GLY A 45 -2.42 -3.98 -30.27
C GLY A 45 -3.90 -3.70 -30.43
N ASP A 46 -4.65 -3.72 -29.33
CA ASP A 46 -6.13 -3.52 -29.40
C ASP A 46 -6.49 -2.11 -29.92
N THR A 47 -5.75 -1.06 -29.53
CA THR A 47 -6.17 0.32 -29.91
C THR A 47 -5.41 0.88 -31.12
N MET A 48 -4.45 0.11 -31.67
CA MET A 48 -3.66 0.58 -32.84
C MET A 48 -2.85 -0.58 -33.43
N GLN A 49 -2.52 -0.50 -34.72
CA GLN A 49 -1.68 -1.55 -35.36
C GLN A 49 -0.29 -1.53 -34.72
N THR A 50 0.27 -2.71 -34.43
CA THR A 50 1.60 -2.80 -33.78
C THR A 50 2.45 -3.83 -34.53
N ARG A 51 3.78 -3.73 -34.44
CA ARG A 51 4.66 -4.75 -35.07
C ARG A 51 5.17 -5.70 -33.98
N HIS A 52 5.64 -6.89 -34.37
CA HIS A 52 6.15 -7.89 -33.39
C HIS A 52 7.51 -7.48 -32.85
N VAL A 53 7.54 -6.88 -31.65
CA VAL A 53 8.84 -6.51 -31.01
C VAL A 53 9.08 -7.48 -29.85
N LYS A 54 10.17 -8.26 -29.91
CA LYS A 54 10.52 -9.15 -28.78
C LYS A 54 11.03 -8.28 -27.64
N ASN A 55 10.65 -8.58 -26.40
CA ASN A 55 11.21 -7.82 -25.26
C ASN A 55 12.19 -8.72 -24.50
N TYR A 56 13.44 -8.29 -24.39
CA TYR A 56 14.46 -9.07 -23.65
C TYR A 56 14.65 -8.44 -22.27
N HIS A 57 13.82 -7.45 -21.93
CA HIS A 57 13.92 -6.77 -20.61
C HIS A 57 13.52 -7.76 -19.51
N SER A 58 14.00 -7.52 -18.28
CA SER A 58 13.63 -8.40 -17.14
C SER A 58 13.09 -7.59 -15.97
N ARG A 59 12.27 -8.21 -15.11
CA ARG A 59 11.70 -7.54 -13.92
C ARG A 59 12.52 -7.94 -12.70
N SER A 60 13.79 -8.29 -12.90
CA SER A 60 14.64 -8.80 -11.79
C SER A 60 14.81 -7.78 -10.66
N GLU A 61 15.03 -6.50 -10.98
CA GLU A 61 15.29 -5.47 -9.93
C GLU A 61 14.06 -5.29 -9.03
N SER A 62 12.86 -5.34 -9.59
CA SER A 62 11.62 -5.05 -8.83
C SER A 62 11.35 -6.01 -7.66
N THR A 63 11.63 -7.31 -7.80
CA THR A 63 11.28 -8.33 -6.76
C THR A 63 11.40 -7.79 -5.32
N VAL A 64 10.45 -8.15 -4.45
CA VAL A 64 10.41 -7.61 -3.06
C VAL A 64 11.78 -7.82 -2.41
N GLU A 65 12.42 -8.97 -2.66
CA GLU A 65 13.71 -9.24 -1.98
C GLU A 65 14.75 -8.19 -2.38
N ASN A 66 14.83 -7.86 -3.67
CA ASN A 66 15.85 -6.88 -4.15
C ASN A 66 15.48 -5.45 -3.72
N PHE A 67 14.17 -5.17 -3.58
CA PHE A 67 13.73 -3.82 -3.14
C PHE A 67 14.08 -3.59 -1.67
N LEU A 68 13.85 -4.58 -0.80
CA LEU A 68 14.06 -4.35 0.65
C LEU A 68 15.46 -4.80 1.12
N CYS A 69 16.22 -5.52 0.29
CA CYS A 69 17.53 -6.05 0.77
C CYS A 69 18.65 -5.04 0.55
N ARG A 70 18.63 -3.91 1.26
CA ARG A 70 19.72 -2.90 1.19
C ARG A 70 19.92 -2.38 2.61
N SER A 71 21.18 -2.28 3.06
CA SER A 71 21.42 -1.88 4.48
C SER A 71 20.92 -0.45 4.70
N ALA A 72 20.15 -0.22 5.77
CA ALA A 72 19.65 1.13 6.07
C ALA A 72 19.84 1.45 7.55
N CYS A 73 20.29 2.67 7.90
CA CYS A 73 20.61 3.02 9.31
C CYS A 73 19.36 3.38 10.13
N VAL A 74 18.96 2.50 11.05
CA VAL A 74 17.74 2.76 11.89
C VAL A 74 18.02 3.85 12.93
N TYR A 75 19.03 3.68 13.80
CA TYR A 75 19.26 4.68 14.88
C TYR A 75 20.74 4.79 15.23
N PHE A 76 21.18 5.94 15.74
CA PHE A 76 22.58 6.12 16.19
C PHE A 76 22.60 6.81 17.56
N THR A 77 23.47 6.39 18.47
CA THR A 77 23.51 6.97 19.84
C THR A 77 24.96 7.22 20.25
N GLU A 78 25.19 7.96 21.35
CA GLU A 78 26.57 8.32 21.75
C GLU A 78 26.87 7.91 23.20
N TYR A 79 28.13 7.57 23.51
CA TYR A 79 28.54 7.24 24.91
C TYR A 79 29.94 7.80 25.14
N LYS A 80 30.31 8.10 26.39
CA LYS A 80 31.63 8.74 26.67
C LYS A 80 32.48 7.84 27.57
N ASN A 81 33.80 7.82 27.34
CA ASN A 81 34.69 6.95 28.15
C ASN A 81 34.63 7.38 29.61
N SER A 82 34.70 8.68 29.89
CA SER A 82 34.56 9.18 31.29
C SER A 82 33.54 10.31 31.31
N GLY A 83 32.55 10.24 32.20
CA GLY A 83 31.49 11.27 32.19
C GLY A 83 30.16 10.74 32.70
N SER A 84 29.11 11.56 32.65
CA SER A 84 27.79 11.15 33.18
C SER A 84 27.21 9.97 32.40
N LYS A 85 27.31 10.00 31.07
CA LYS A 85 26.78 8.88 30.24
C LYS A 85 27.96 7.99 29.84
N ARG A 86 28.09 6.83 30.48
CA ARG A 86 29.21 5.91 30.17
C ARG A 86 28.69 4.71 29.37
N TYR A 87 27.36 4.56 29.30
CA TYR A 87 26.76 3.43 28.54
C TYR A 87 25.55 3.94 27.77
N ALA A 88 25.19 3.28 26.66
CA ALA A 88 24.04 3.73 25.84
C ALA A 88 22.93 2.68 25.92
N GLU A 89 21.68 3.12 25.97
CA GLU A 89 20.51 2.19 26.00
C GLU A 89 19.54 2.52 24.86
N TRP A 90 19.15 1.53 24.06
CA TRP A 90 18.17 1.77 22.96
C TRP A 90 17.15 0.65 22.87
N VAL A 91 15.85 0.98 22.95
CA VAL A 91 14.79 -0.07 22.79
C VAL A 91 14.80 -0.43 21.29
N VAL A 92 15.02 -1.70 20.95
CA VAL A 92 15.16 -2.04 19.51
C VAL A 92 13.79 -1.94 18.82
N THR A 93 13.58 -0.85 18.09
CA THR A 93 12.29 -0.66 17.36
C THR A 93 12.56 0.02 16.02
N THR A 94 11.72 -0.23 15.02
CA THR A 94 11.84 0.48 13.72
C THR A 94 10.99 1.75 13.83
N ARG A 95 10.78 2.48 12.73
CA ARG A 95 9.91 3.68 12.72
C ARG A 95 10.64 4.90 13.28
N GLN A 96 11.96 4.80 13.50
CA GLN A 96 12.74 5.97 13.96
C GLN A 96 13.41 6.63 12.75
N ALA A 97 13.62 5.86 11.68
CA ALA A 97 14.19 6.43 10.43
C ALA A 97 13.12 6.42 9.33
N ALA A 98 12.88 7.57 8.69
CA ALA A 98 11.81 7.68 7.67
C ALA A 98 12.10 6.81 6.45
N GLN A 99 13.35 6.78 5.98
CA GLN A 99 13.66 6.06 4.70
C GLN A 99 13.26 4.58 4.76
N LEU A 100 13.57 3.88 5.86
CA LEU A 100 13.26 2.43 5.94
C LEU A 100 11.80 2.24 6.34
N ARG A 101 11.32 3.00 7.31
CA ARG A 101 9.95 2.90 7.78
C ARG A 101 8.98 3.03 6.61
N ARG A 102 9.21 4.03 5.75
CA ARG A 102 8.33 4.23 4.57
C ARG A 102 8.40 2.97 3.70
N LYS A 103 9.59 2.42 3.45
CA LYS A 103 9.71 1.22 2.58
C LYS A 103 8.92 0.05 3.21
N LEU A 104 9.07 -0.18 4.51
CA LEU A 104 8.37 -1.29 5.22
C LEU A 104 6.85 -1.08 5.24
N GLU A 105 6.38 0.18 5.35
CA GLU A 105 4.93 0.46 5.49
C GLU A 105 4.17 0.08 4.21
N PHE A 106 4.88 -0.18 3.11
CA PHE A 106 4.23 -0.56 1.82
C PHE A 106 3.37 -1.81 2.02
N PHE A 107 3.81 -2.75 2.86
CA PHE A 107 3.06 -4.03 3.06
C PHE A 107 2.55 -4.13 4.49
N THR A 108 1.26 -4.46 4.68
CA THR A 108 0.67 -4.53 6.05
C THR A 108 1.34 -5.64 6.86
N TYR A 109 1.57 -6.80 6.24
CA TYR A 109 2.20 -7.93 6.96
C TYR A 109 3.54 -8.25 6.29
N ILE A 110 4.61 -8.29 7.09
CA ILE A 110 5.96 -8.56 6.54
C ILE A 110 6.58 -9.70 7.37
N ARG A 111 7.51 -10.46 6.79
CA ARG A 111 8.17 -11.56 7.50
C ARG A 111 9.56 -11.72 6.93
N PHE A 112 10.58 -11.34 7.70
CA PHE A 112 11.94 -11.34 7.17
C PHE A 112 12.92 -11.67 8.28
N ASP A 113 14.04 -12.26 7.88
CA ASP A 113 15.19 -12.36 8.76
C ASP A 113 15.99 -11.06 8.68
N LEU A 114 16.99 -10.91 9.56
CA LEU A 114 17.69 -9.60 9.62
C LEU A 114 19.21 -9.76 9.74
N GLU A 115 19.97 -8.81 9.18
CA GLU A 115 21.44 -8.82 9.34
C GLU A 115 21.81 -7.48 9.98
N LEU A 116 22.57 -7.49 11.08
CA LEU A 116 22.86 -6.22 11.80
C LEU A 116 24.35 -5.87 11.72
N THR A 117 24.67 -4.65 11.27
CA THR A 117 26.08 -4.18 11.24
C THR A 117 26.22 -2.94 12.11
N PHE A 118 27.24 -2.89 12.98
CA PHE A 118 27.38 -1.75 13.92
C PHE A 118 28.62 -0.93 13.56
N VAL A 119 28.42 0.27 13.03
CA VAL A 119 29.55 1.18 12.67
C VAL A 119 29.88 2.03 13.91
N ILE A 120 30.94 1.67 14.63
CA ILE A 120 31.30 2.41 15.88
C ILE A 120 32.48 3.35 15.57
N THR A 121 32.27 4.66 15.77
CA THR A 121 33.34 5.65 15.47
C THR A 121 33.64 6.48 16.72
N SER A 122 34.91 6.57 17.13
CA SER A 122 35.29 7.35 18.30
C SER A 122 35.88 8.68 17.87
N THR A 123 35.88 9.64 18.80
CA THR A 123 36.48 10.94 18.57
C THR A 123 36.93 11.51 19.91
N GLN A 124 37.90 12.42 19.87
CA GLN A 124 38.43 13.02 21.08
C GLN A 124 37.62 14.26 21.44
N GLN A 125 37.32 14.41 22.71
CA GLN A 125 36.61 15.59 23.16
C GLN A 125 37.61 16.66 23.62
N PRO A 126 37.29 17.93 23.43
CA PRO A 126 38.23 18.99 23.84
C PRO A 126 38.32 19.06 25.35
N SER A 127 39.56 19.15 25.85
CA SER A 127 39.79 19.20 27.32
C SER A 127 41.08 19.96 27.62
N THR A 128 41.60 19.84 28.84
CA THR A 128 42.84 20.56 29.23
C THR A 128 43.88 19.55 29.75
N THR A 129 43.51 18.27 29.85
CA THR A 129 44.42 17.29 30.42
C THR A 129 45.59 17.05 29.47
N GLN A 130 46.80 17.16 30.00
CA GLN A 130 48.03 17.02 29.22
C GLN A 130 48.57 15.61 29.35
N ASN A 131 49.58 15.31 28.54
CA ASN A 131 50.24 14.01 28.52
C ASN A 131 49.23 12.89 28.23
N GLN A 132 48.59 12.98 27.07
CA GLN A 132 47.62 11.98 26.64
C GLN A 132 48.33 10.87 25.90
N ASP A 133 47.99 9.61 26.23
CA ASP A 133 48.55 8.44 25.51
C ASP A 133 47.36 7.56 25.07
N ALA A 134 46.85 7.78 23.86
CA ALA A 134 45.64 7.05 23.39
C ALA A 134 45.92 5.54 23.28
N GLN A 135 44.94 4.71 23.65
CA GLN A 135 45.09 3.24 23.56
C GLN A 135 43.89 2.66 22.80
N ILE A 136 44.08 1.50 22.16
CA ILE A 136 42.99 0.88 21.34
C ILE A 136 41.72 0.72 22.18
N LEU A 137 40.67 1.47 21.87
CA LEU A 137 39.38 1.35 22.59
C LEU A 137 38.71 0.02 22.24
N THR A 138 38.06 -0.62 23.22
CA THR A 138 37.30 -1.87 22.95
C THR A 138 35.82 -1.61 23.23
N HIS A 139 34.93 -1.98 22.33
CA HIS A 139 33.48 -1.68 22.52
C HIS A 139 32.69 -2.99 22.69
N GLN A 140 31.86 -3.07 23.73
CA GLN A 140 31.03 -4.28 23.96
C GLN A 140 29.57 -3.94 23.66
N ILE A 141 28.91 -4.73 22.81
CA ILE A 141 27.47 -4.50 22.48
C ILE A 141 26.67 -5.67 23.07
N MET A 142 25.62 -5.40 23.84
CA MET A 142 24.86 -6.47 24.53
C MET A 142 23.37 -6.35 24.17
N TYR A 143 22.68 -7.48 23.99
CA TYR A 143 21.23 -7.46 23.70
C TYR A 143 20.47 -8.14 24.85
N VAL A 144 19.55 -7.41 25.48
CA VAL A 144 18.75 -7.94 26.57
C VAL A 144 17.33 -8.18 26.03
N PRO A 145 16.89 -9.45 25.96
CA PRO A 145 15.52 -9.73 25.53
C PRO A 145 14.52 -9.20 26.55
N PRO A 146 13.25 -9.09 26.18
CA PRO A 146 12.26 -8.52 27.12
C PRO A 146 12.09 -9.40 28.35
N GLY A 147 12.55 -8.89 29.49
CA GLY A 147 12.42 -9.60 30.74
C GLY A 147 13.72 -9.74 31.50
N GLY A 148 14.84 -9.66 30.79
CA GLY A 148 16.14 -9.85 31.40
C GLY A 148 16.52 -8.69 32.30
N PRO A 149 17.71 -8.79 32.88
CA PRO A 149 18.19 -7.72 33.76
C PRO A 149 18.68 -6.53 32.96
N VAL A 150 18.79 -5.40 33.64
CA VAL A 150 19.19 -4.14 33.02
C VAL A 150 20.43 -3.60 33.73
N PRO A 151 21.46 -3.19 32.99
CA PRO A 151 22.67 -2.64 33.63
C PRO A 151 22.46 -1.22 34.13
N ASP A 152 21.90 -1.08 35.33
CA ASP A 152 21.59 0.27 35.89
C ASP A 152 22.86 1.14 35.85
N LYS A 153 24.04 0.50 35.79
CA LYS A 153 25.32 1.25 35.77
C LYS A 153 26.25 0.67 34.70
N VAL A 154 27.22 1.45 34.23
CA VAL A 154 28.17 0.99 33.19
C VAL A 154 28.97 -0.20 33.75
N ASP A 155 29.36 -0.15 35.02
CA ASP A 155 30.03 -1.31 35.64
C ASP A 155 28.99 -2.05 36.49
N SER A 156 28.61 -3.25 36.08
CA SER A 156 27.55 -4.02 36.80
C SER A 156 27.71 -5.50 36.44
N TYR A 157 27.20 -6.40 37.27
CA TYR A 157 27.36 -7.83 37.00
C TYR A 157 26.65 -8.24 35.71
N VAL A 158 25.61 -7.50 35.33
CA VAL A 158 24.79 -7.86 34.13
C VAL A 158 25.71 -8.02 32.92
N TRP A 159 26.80 -7.24 32.86
CA TRP A 159 27.67 -7.28 31.69
C TRP A 159 28.45 -8.59 31.56
N GLN A 160 28.22 -9.57 32.45
CA GLN A 160 28.87 -10.86 32.27
C GLN A 160 28.32 -11.62 31.07
N THR A 161 27.03 -11.45 30.77
CA THR A 161 26.37 -12.05 29.61
C THR A 161 26.57 -13.57 29.59
N SER A 162 26.10 -14.21 30.66
CA SER A 162 26.20 -15.66 30.75
C SER A 162 25.26 -16.34 29.76
N THR A 163 24.17 -15.66 29.40
CA THR A 163 23.23 -16.18 28.42
C THR A 163 22.93 -15.22 27.28
N ASN A 164 22.90 -13.92 27.53
CA ASN A 164 22.57 -12.96 26.49
C ASN A 164 23.65 -12.96 25.41
N PRO A 165 23.30 -12.67 24.16
CA PRO A 165 24.32 -12.58 23.12
C PRO A 165 25.02 -11.22 23.16
N SER A 166 26.31 -11.21 22.85
CA SER A 166 27.10 -9.99 22.90
C SER A 166 28.23 -10.09 21.90
N VAL A 167 28.80 -8.94 21.56
CA VAL A 167 29.91 -8.86 20.62
C VAL A 167 30.94 -7.87 21.16
N PHE A 168 32.20 -8.25 21.10
CA PHE A 168 33.32 -7.40 21.51
C PHE A 168 34.08 -6.97 20.25
N TRP A 169 34.46 -5.71 20.19
CA TRP A 169 35.08 -5.18 18.99
C TRP A 169 36.17 -4.18 19.35
N THR A 170 37.39 -4.42 18.87
CA THR A 170 38.49 -3.48 19.04
C THR A 170 38.53 -2.57 17.82
N GLU A 171 38.89 -1.31 18.05
CA GLU A 171 38.87 -0.32 16.97
C GLU A 171 40.06 -0.51 16.05
N GLY A 172 39.79 -0.54 14.74
CA GLY A 172 40.85 -0.65 13.76
C GLY A 172 40.61 -1.67 12.67
N ASN A 173 39.62 -2.53 12.85
CA ASN A 173 39.37 -3.59 11.87
C ASN A 173 37.93 -3.57 11.38
N ALA A 174 37.53 -4.61 10.66
CA ALA A 174 36.24 -4.62 9.98
C ALA A 174 35.10 -4.52 10.99
N PRO A 175 33.98 -3.92 10.63
CA PRO A 175 32.88 -3.72 11.58
C PRO A 175 32.22 -5.05 11.93
N PRO A 176 31.55 -5.14 13.11
CA PRO A 176 30.85 -6.34 13.51
C PRO A 176 29.61 -6.57 12.64
N ARG A 177 29.13 -7.81 12.60
CA ARG A 177 27.96 -8.18 11.81
C ARG A 177 27.43 -9.51 12.29
N MET A 178 26.10 -9.57 12.46
CA MET A 178 25.45 -10.82 12.93
C MET A 178 24.13 -11.01 12.17
N SER A 179 23.60 -12.23 12.17
CA SER A 179 22.35 -12.57 11.51
C SER A 179 21.33 -12.99 12.58
N ILE A 180 20.11 -12.51 12.43
CA ILE A 180 19.04 -12.69 13.42
C ILE A 180 17.86 -13.35 12.73
N PRO A 181 17.31 -14.42 13.29
CA PRO A 181 16.14 -15.06 12.67
C PRO A 181 14.87 -14.28 12.93
N PHE A 182 13.75 -14.87 12.51
CA PHE A 182 12.43 -14.25 12.62
C PHE A 182 11.88 -14.39 14.03
N LEU A 183 12.07 -13.34 14.84
CA LEU A 183 11.64 -13.38 16.27
C LEU A 183 10.25 -12.75 16.42
N SER A 184 9.20 -13.57 16.46
CA SER A 184 7.85 -13.07 16.67
C SER A 184 6.98 -14.20 17.17
N ILE A 185 6.11 -13.88 18.14
CA ILE A 185 5.19 -14.88 18.64
C ILE A 185 4.09 -15.19 17.64
N GLY A 186 3.79 -14.26 16.73
CA GLY A 186 2.85 -14.50 15.67
C GLY A 186 3.50 -15.18 14.48
N ASN A 187 2.78 -15.15 13.36
CA ASN A 187 3.29 -15.73 12.13
C ASN A 187 3.88 -14.69 11.17
N ALA A 188 3.89 -13.42 11.55
CA ALA A 188 4.42 -12.37 10.69
C ALA A 188 4.58 -11.10 11.52
N TYR A 189 5.54 -10.27 11.10
CA TYR A 189 5.76 -8.97 11.72
C TYR A 189 4.62 -8.05 11.28
N SER A 190 3.66 -7.81 12.17
CA SER A 190 2.60 -6.88 11.84
C SER A 190 3.12 -5.46 11.83
N ASN A 191 2.76 -4.71 10.79
CA ASN A 191 3.13 -3.31 10.68
C ASN A 191 2.02 -2.36 11.13
N PHE A 192 0.78 -2.82 11.14
CA PHE A 192 -0.35 -2.00 11.56
C PHE A 192 -1.26 -2.82 12.46
N TYR A 193 -1.66 -2.24 13.59
CA TYR A 193 -2.48 -2.93 14.57
C TYR A 193 -3.57 -1.98 15.03
N ASP A 194 -4.80 -2.20 14.54
CA ASP A 194 -5.93 -1.34 14.89
C ASP A 194 -6.63 -1.94 16.10
N GLY A 195 -6.05 -1.72 17.26
CA GLY A 195 -6.62 -2.23 18.48
C GLY A 195 -5.86 -1.75 19.69
N TRP A 196 -6.35 -2.13 20.85
CA TRP A 196 -5.77 -1.71 22.13
C TRP A 196 -5.11 -2.90 22.82
N SER A 197 -4.44 -2.61 23.93
CA SER A 197 -3.82 -3.72 24.72
C SER A 197 -4.91 -4.34 25.59
N GLU A 198 -5.58 -3.51 26.39
CA GLU A 198 -6.69 -4.01 27.26
C GLU A 198 -7.92 -4.35 26.40
N PHE A 199 -8.64 -5.40 26.80
CA PHE A 199 -9.89 -5.77 26.12
C PHE A 199 -10.92 -4.72 26.55
N SER A 200 -10.55 -3.92 27.54
CA SER A 200 -11.44 -2.82 28.00
C SER A 200 -11.51 -1.77 26.90
N ARG A 201 -10.54 -1.75 25.97
CA ARG A 201 -10.50 -0.77 24.84
C ARG A 201 -9.90 0.54 25.34
N ASN A 202 -9.40 0.58 26.57
CA ASN A 202 -8.71 1.79 27.08
C ASN A 202 -7.26 1.41 27.42
N GLY A 203 -6.28 2.15 26.90
CA GLY A 203 -4.88 1.77 27.11
C GLY A 203 -4.03 2.06 25.89
N VAL A 204 -2.86 1.42 25.77
CA VAL A 204 -1.95 1.73 24.62
C VAL A 204 -2.72 1.41 23.34
N TYR A 205 -2.71 2.33 22.37
CA TYR A 205 -3.43 2.09 21.10
C TYR A 205 -2.47 2.16 19.93
N GLY A 206 -2.57 1.21 19.01
CA GLY A 206 -1.77 1.24 17.81
C GLY A 206 -0.73 0.15 17.75
N ILE A 207 0.28 0.40 16.91
CA ILE A 207 1.32 -0.59 16.66
C ILE A 207 2.25 -0.76 17.86
N ASN A 208 2.34 0.24 18.74
CA ASN A 208 3.19 0.11 19.92
C ASN A 208 2.75 -1.04 20.81
N THR A 209 1.58 -1.61 20.56
CA THR A 209 1.16 -2.79 21.30
C THR A 209 2.05 -3.99 21.02
N LEU A 210 2.50 -4.15 19.77
CA LEU A 210 3.23 -5.33 19.34
C LEU A 210 4.73 -5.10 19.26
N ASN A 211 5.28 -4.20 20.07
CA ASN A 211 6.71 -3.89 20.07
C ASN A 211 7.29 -4.28 21.41
N ASN A 212 7.76 -5.52 21.51
CA ASN A 212 8.42 -6.03 22.71
C ASN A 212 9.70 -6.77 22.33
N MET A 213 10.51 -6.14 21.49
CA MET A 213 11.66 -6.81 20.88
C MET A 213 12.91 -6.77 21.75
N GLY A 214 12.91 -6.08 22.87
CA GLY A 214 14.04 -6.08 23.77
C GLY A 214 14.73 -4.73 23.84
N THR A 215 16.01 -4.77 24.21
CA THR A 215 16.81 -3.56 24.35
C THR A 215 18.25 -3.89 24.00
N LEU A 216 19.00 -2.88 23.54
CA LEU A 216 20.37 -3.05 23.11
C LEU A 216 21.25 -2.02 23.82
N TYR A 217 22.25 -2.51 24.55
CA TYR A 217 23.18 -1.66 25.29
C TYR A 217 24.57 -1.75 24.70
N ALA A 218 25.39 -0.74 24.98
CA ALA A 218 26.75 -0.69 24.48
C ALA A 218 27.61 0.10 25.46
N ARG A 219 28.87 -0.30 25.60
CA ARG A 219 29.76 0.34 26.56
C ARG A 219 31.21 0.21 26.11
N HIS A 220 32.07 0.99 26.79
CA HIS A 220 33.53 0.89 26.56
C HIS A 220 34.09 -0.12 27.55
N VAL A 221 34.80 -1.14 27.07
CA VAL A 221 35.40 -2.14 27.94
C VAL A 221 36.53 -1.53 28.76
N ASN A 222 37.40 -0.73 28.12
CA ASN A 222 38.54 -0.15 28.80
C ASN A 222 38.57 1.35 28.58
N THR A 223 38.88 2.10 29.63
CA THR A 223 39.09 3.53 29.48
C THR A 223 40.30 3.79 28.60
N GLY A 224 40.10 4.52 27.51
CA GLY A 224 41.14 4.64 26.51
C GLY A 224 42.36 5.40 27.00
N SER A 225 42.14 6.57 27.58
CA SER A 225 43.25 7.44 27.99
C SER A 225 42.76 8.31 29.14
N THR A 226 43.54 9.36 29.44
CA THR A 226 43.12 10.32 30.51
C THR A 226 42.12 11.31 29.88
N GLY A 227 42.39 11.77 28.66
CA GLY A 227 41.51 12.76 28.00
C GLY A 227 40.17 12.15 27.60
N PRO A 228 39.05 12.90 27.71
CA PRO A 228 37.73 12.35 27.40
C PRO A 228 37.58 11.94 25.92
N ILE A 229 36.98 10.77 25.67
CA ILE A 229 36.75 10.29 24.28
C ILE A 229 35.26 9.99 24.12
N LYS A 230 34.62 10.51 23.08
CA LYS A 230 33.18 10.21 22.83
C LYS A 230 33.08 9.24 21.65
N SER A 231 32.27 8.18 21.79
CA SER A 231 32.08 7.24 20.70
C SER A 231 30.61 7.20 20.31
N THR A 232 30.35 7.17 19.01
CA THR A 232 29.00 7.05 18.48
C THR A 232 28.87 5.75 17.69
N ILE A 233 27.75 5.07 17.91
CA ILE A 233 27.47 3.78 17.29
C ILE A 233 26.24 3.94 16.41
N ARG A 234 26.32 3.42 15.18
CA ARG A 234 25.17 3.46 14.24
C ARG A 234 24.73 2.01 13.99
N ILE A 235 23.42 1.77 13.90
CA ILE A 235 22.90 0.37 13.74
C ILE A 235 22.28 0.23 12.35
N TYR A 236 22.64 -0.83 11.62
CA TYR A 236 22.13 -1.01 10.22
C TYR A 236 21.29 -2.28 10.14
N PHE A 237 20.11 -2.19 9.50
CA PHE A 237 19.21 -3.36 9.37
C PHE A 237 19.22 -3.85 7.90
N LYS A 238 19.41 -5.15 7.70
CA LYS A 238 19.45 -5.72 6.32
C LYS A 238 18.43 -6.86 6.19
N PRO A 239 17.18 -6.68 5.69
CA PRO A 239 16.22 -7.79 5.61
C PRO A 239 16.69 -8.91 4.67
N LYS A 240 16.50 -10.17 5.07
CA LYS A 240 16.87 -11.33 4.22
C LYS A 240 15.65 -12.25 4.12
N HIS A 241 15.56 -13.06 3.05
CA HIS A 241 14.45 -14.02 2.88
C HIS A 241 13.15 -13.34 3.30
N VAL A 242 12.75 -12.27 2.60
CA VAL A 242 11.60 -11.48 2.99
C VAL A 242 10.36 -11.98 2.26
N LYS A 243 9.22 -11.96 2.99
CA LYS A 243 7.91 -12.31 2.41
C LYS A 243 6.94 -11.18 2.80
N ALA A 244 6.08 -10.74 1.89
CA ALA A 244 5.18 -9.62 2.12
C ALA A 244 3.76 -10.02 1.76
N TRP A 245 2.79 -9.51 2.53
CA TRP A 245 1.40 -9.81 2.30
C TRP A 245 0.58 -8.53 2.35
N ILE A 246 -0.59 -8.56 1.71
CA ILE A 246 -1.54 -7.40 1.73
C ILE A 246 -0.82 -6.09 1.40
N PRO A 247 -0.71 -5.72 0.11
CA PRO A 247 -0.03 -4.49 -0.28
C PRO A 247 -0.83 -3.27 0.21
N ARG A 248 -0.16 -2.16 0.51
CA ARG A 248 -0.84 -0.96 1.06
C ARG A 248 -0.40 0.28 0.27
N PRO A 249 -1.20 1.37 0.25
CA PRO A 249 -0.80 2.60 -0.42
C PRO A 249 0.36 3.30 0.27
N PRO A 250 1.25 4.00 -0.46
CA PRO A 250 2.42 4.68 0.12
C PRO A 250 2.07 5.83 1.08
N ARG A 251 2.95 6.12 2.04
CA ARG A 251 2.68 7.15 3.09
C ARG A 251 2.10 8.48 2.58
N LEU A 252 2.86 9.31 1.85
CA LEU A 252 2.46 10.68 1.42
C LEU A 252 2.76 11.75 2.48
N CYS A 253 2.21 11.63 3.71
CA CYS A 253 2.38 12.70 4.76
C CYS A 253 3.56 12.39 5.67
N GLN A 254 4.45 13.37 5.90
CA GLN A 254 5.69 13.14 6.70
C GLN A 254 5.35 12.61 8.10
N TYR A 255 6.23 11.77 8.66
CA TYR A 255 6.01 11.17 9.98
C TYR A 255 6.27 12.19 11.08
N GLU A 256 5.60 12.00 12.21
CA GLU A 256 5.75 12.89 13.36
C GLU A 256 6.25 12.17 14.60
N LYS A 257 5.67 11.03 14.95
CA LYS A 257 6.04 10.30 16.15
C LYS A 257 6.45 8.88 15.78
N ALA A 258 7.22 8.25 16.67
CA ALA A 258 7.73 6.91 16.47
C ALA A 258 6.95 5.84 17.20
N LYS A 259 5.81 6.19 17.80
CA LYS A 259 4.97 5.24 18.51
C LYS A 259 3.61 5.04 17.86
N ASN A 260 3.27 5.82 16.83
CA ASN A 260 1.95 5.76 16.22
C ASN A 260 2.06 6.27 14.78
N VAL A 261 0.90 6.57 14.18
CA VAL A 261 0.86 7.09 12.78
C VAL A 261 0.23 8.48 12.78
N ASN A 262 0.35 9.22 13.89
CA ASN A 262 -0.24 10.58 13.97
C ASN A 262 0.43 11.48 12.93
N PHE A 263 -0.33 12.32 12.23
CA PHE A 263 0.26 13.12 11.13
C PHE A 263 -0.43 14.47 11.02
N GLN A 264 0.09 15.35 10.17
CA GLN A 264 -0.58 16.66 9.92
C GLN A 264 -1.13 16.60 8.50
N PRO A 265 -2.42 16.95 8.25
CA PRO A 265 -3.00 16.78 6.91
C PRO A 265 -2.24 17.57 5.85
N SER A 266 -2.01 16.96 4.69
CA SER A 266 -1.22 17.62 3.61
C SER A 266 -1.96 17.49 2.28
N GLY A 267 -1.68 18.40 1.34
CA GLY A 267 -2.34 18.39 0.02
C GLY A 267 -2.09 17.10 -0.73
N VAL A 268 -3.08 16.66 -1.53
CA VAL A 268 -2.92 15.43 -2.37
C VAL A 268 -1.59 15.51 -3.13
N THR A 269 -1.39 16.57 -3.93
CA THR A 269 -0.17 16.65 -4.78
C THR A 269 0.21 18.12 -5.01
N THR A 270 1.43 18.37 -5.52
CA THR A 270 1.88 19.76 -5.84
C THR A 270 1.00 20.33 -6.95
N THR A 271 0.77 21.65 -6.96
CA THR A 271 -0.17 22.25 -7.95
C THR A 271 0.55 22.73 -9.20
N ARG A 272 -0.21 23.25 -10.19
CA ARG A 272 0.34 23.77 -11.43
C ARG A 272 -0.48 24.99 -11.83
N GLN A 273 -0.26 25.47 -13.05
CA GLN A 273 -0.89 26.70 -13.50
C GLN A 273 -2.38 26.53 -13.78
N SER A 274 -2.74 25.59 -14.64
CA SER A 274 -4.13 25.37 -15.01
C SER A 274 -4.33 23.89 -15.30
N ILE A 275 -5.45 23.56 -15.97
CA ILE A 275 -5.75 22.18 -16.30
C ILE A 275 -5.18 21.78 -17.65
N THR A 276 -4.64 22.72 -18.42
CA THR A 276 -4.03 22.41 -19.71
C THR A 276 -2.56 22.80 -19.79
N THR A 277 -1.94 23.06 -18.63
CA THR A 277 -0.49 23.40 -18.59
C THR A 277 0.34 22.12 -18.73
N MET A 278 1.39 22.15 -19.53
CA MET A 278 2.28 20.97 -19.73
C MET A 278 3.52 21.10 -18.82
N THR A 279 3.61 22.14 -18.02
CA THR A 279 4.83 22.37 -17.18
C THR A 279 4.45 22.54 -15.71
N ASN A 280 5.29 22.06 -14.79
CA ASN A 280 5.04 22.23 -13.37
C ASN A 280 5.08 23.70 -12.96
N GLY B 8 -29.99 -16.23 -23.18
CA GLY B 8 -30.23 -16.83 -21.87
C GLY B 8 -30.58 -15.81 -20.81
N TYR B 9 -29.63 -15.54 -19.93
CA TYR B 9 -29.79 -14.56 -18.86
C TYR B 9 -28.76 -13.45 -19.03
N SER B 10 -28.86 -12.42 -18.18
CA SER B 10 -27.90 -11.29 -18.20
C SER B 10 -27.03 -11.34 -16.94
N ASP B 11 -25.92 -10.58 -16.90
CA ASP B 11 -25.00 -10.64 -15.75
C ASP B 11 -25.37 -9.58 -14.70
N ARG B 12 -26.34 -8.70 -14.99
CA ARG B 12 -26.67 -7.60 -14.05
C ARG B 12 -27.56 -8.10 -12.93
N VAL B 13 -28.12 -9.31 -13.05
CA VAL B 13 -29.06 -9.82 -12.06
C VAL B 13 -28.33 -10.83 -11.18
N ARG B 14 -28.49 -10.70 -9.87
CA ARG B 14 -27.83 -11.60 -8.94
C ARG B 14 -28.71 -11.86 -7.73
N SER B 15 -28.63 -13.07 -7.20
CA SER B 15 -29.31 -13.45 -5.97
C SER B 15 -28.32 -14.15 -5.04
N ILE B 16 -28.38 -13.80 -3.76
CA ILE B 16 -27.46 -14.33 -2.76
C ILE B 16 -28.29 -14.84 -1.58
N THR B 17 -28.08 -16.09 -1.19
CA THR B 17 -28.77 -16.69 -0.06
C THR B 17 -27.77 -17.08 1.01
N LEU B 18 -28.08 -16.76 2.26
CA LEU B 18 -27.21 -17.11 3.38
C LEU B 18 -28.08 -17.31 4.61
N GLY B 19 -27.95 -18.46 5.25
CA GLY B 19 -28.76 -18.76 6.41
C GLY B 19 -30.24 -18.75 6.07
N ASN B 20 -30.96 -17.74 6.57
CA ASN B 20 -32.37 -17.56 6.27
C ASN B 20 -32.63 -16.20 5.63
N SER B 21 -31.63 -15.62 4.99
CA SER B 21 -31.73 -14.30 4.40
C SER B 21 -31.36 -14.36 2.93
N THR B 22 -31.93 -13.45 2.14
CA THR B 22 -31.73 -13.42 0.70
C THR B 22 -31.58 -11.97 0.24
N ILE B 23 -30.74 -11.75 -0.76
CA ILE B 23 -30.47 -10.44 -1.32
C ILE B 23 -30.58 -10.53 -2.84
N THR B 24 -31.47 -9.74 -3.42
CA THR B 24 -31.69 -9.72 -4.85
C THR B 24 -31.30 -8.37 -5.42
N THR B 25 -30.57 -8.38 -6.54
CA THR B 25 -30.19 -7.15 -7.22
C THR B 25 -30.43 -7.32 -8.71
N GLN B 26 -30.95 -6.27 -9.34
CA GLN B 26 -31.26 -6.30 -10.76
C GLN B 26 -30.34 -5.40 -11.59
N GLU B 27 -29.61 -4.49 -10.97
CA GLU B 27 -28.59 -3.71 -11.67
C GLU B 27 -27.34 -3.73 -10.79
N CYS B 28 -26.59 -4.83 -10.89
CA CYS B 28 -25.38 -4.98 -10.05
C CYS B 28 -24.21 -5.37 -10.95
N ALA B 29 -22.99 -5.00 -10.55
CA ALA B 29 -21.80 -5.37 -11.33
C ALA B 29 -21.28 -6.73 -10.85
N ASN B 30 -20.10 -7.12 -11.32
CA ASN B 30 -19.50 -8.43 -10.95
C ASN B 30 -19.05 -8.40 -9.48
N VAL B 31 -19.31 -9.47 -8.73
CA VAL B 31 -18.87 -9.56 -7.31
C VAL B 31 -17.34 -9.58 -7.27
N VAL B 32 -16.74 -8.87 -6.31
CA VAL B 32 -15.26 -8.92 -6.15
C VAL B 32 -14.96 -9.88 -4.98
N VAL B 33 -14.16 -10.92 -5.23
CA VAL B 33 -13.90 -11.94 -4.16
C VAL B 33 -12.53 -11.70 -3.53
N GLY B 34 -12.45 -10.78 -2.57
CA GLY B 34 -11.20 -10.56 -1.86
C GLY B 34 -9.94 -10.54 -2.71
N TYR B 35 -8.92 -11.24 -2.24
CA TYR B 35 -7.65 -11.40 -2.96
C TYR B 35 -7.61 -12.71 -3.74
N GLY B 36 -8.76 -13.20 -4.20
CA GLY B 36 -8.84 -14.45 -4.90
C GLY B 36 -9.08 -15.66 -4.02
N VAL B 37 -9.36 -15.46 -2.74
CA VAL B 37 -9.57 -16.56 -1.80
C VAL B 37 -10.99 -16.46 -1.25
N TRP B 38 -11.75 -17.56 -1.38
CA TRP B 38 -13.11 -17.59 -0.79
C TRP B 38 -12.96 -17.98 0.68
N PRO B 39 -13.69 -17.37 1.64
CA PRO B 39 -13.48 -17.67 3.06
C PRO B 39 -13.69 -19.16 3.35
N ASP B 40 -12.79 -19.77 4.13
CA ASP B 40 -12.87 -21.22 4.42
C ASP B 40 -12.55 -21.45 5.90
N TYR B 41 -12.96 -22.60 6.45
CA TYR B 41 -12.73 -22.89 7.89
C TYR B 41 -11.23 -23.15 8.17
N LEU B 42 -10.83 -23.05 9.43
CA LEU B 42 -9.43 -23.23 9.82
C LEU B 42 -9.04 -24.71 9.71
N LYS B 43 -8.02 -24.98 8.91
CA LYS B 43 -7.55 -26.34 8.73
C LYS B 43 -6.78 -26.82 9.95
N ASP B 44 -6.61 -28.14 10.05
CA ASP B 44 -5.97 -28.72 11.22
C ASP B 44 -4.46 -28.53 11.21
N SER B 45 -3.87 -28.29 10.05
CA SER B 45 -2.43 -28.03 9.95
C SER B 45 -2.09 -26.56 10.17
N GLU B 46 -3.02 -25.77 10.69
CA GLU B 46 -2.78 -24.35 10.94
C GLU B 46 -3.25 -23.89 12.31
N ALA B 47 -4.00 -24.68 13.05
CA ALA B 47 -4.60 -24.24 14.30
C ALA B 47 -3.55 -24.22 15.41
N THR B 48 -3.88 -23.49 16.47
CA THR B 48 -3.03 -23.39 17.65
C THR B 48 -3.79 -23.61 18.94
N ALA B 49 -5.10 -23.39 18.95
CA ALA B 49 -5.91 -23.64 20.13
C ALA B 49 -6.30 -25.11 20.18
N GLU B 50 -5.98 -25.77 21.30
CA GLU B 50 -6.24 -27.20 21.41
C GLU B 50 -7.67 -27.50 21.82
N ASP B 51 -8.49 -26.47 22.02
CA ASP B 51 -9.88 -26.72 22.39
C ASP B 51 -10.74 -26.94 21.14
N GLN B 52 -11.89 -27.57 21.35
CA GLN B 52 -12.87 -27.82 20.29
C GLN B 52 -13.59 -26.52 19.94
N PRO B 53 -13.74 -26.19 18.67
CA PRO B 53 -14.47 -24.98 18.30
C PRO B 53 -15.95 -25.23 18.12
N THR B 54 -16.72 -24.14 18.21
CA THR B 54 -18.16 -24.17 17.99
C THR B 54 -18.46 -23.47 16.67
N GLN B 55 -19.27 -24.10 15.83
CA GLN B 55 -19.58 -23.53 14.49
C GLN B 55 -21.09 -23.64 14.23
N PRO B 56 -21.95 -22.63 14.55
CA PRO B 56 -23.37 -22.71 14.20
C PRO B 56 -23.49 -22.65 12.67
N ASP B 57 -23.05 -21.55 12.06
CA ASP B 57 -23.02 -21.40 10.56
C ASP B 57 -24.41 -21.05 10.03
N VAL B 58 -25.42 -20.91 10.90
CA VAL B 58 -26.76 -20.47 10.43
C VAL B 58 -27.12 -19.16 11.14
N ALA B 59 -27.20 -19.18 12.47
CA ALA B 59 -27.51 -17.95 13.23
C ALA B 59 -26.37 -16.94 13.07
N THR B 60 -25.11 -17.40 13.19
CA THR B 60 -23.94 -16.50 13.04
C THR B 60 -23.85 -15.97 11.61
N CYS B 61 -24.11 -16.83 10.62
CA CYS B 61 -23.93 -16.41 9.20
C CYS B 61 -25.28 -16.03 8.59
N ARG B 62 -25.53 -14.73 8.43
CA ARG B 62 -26.79 -14.24 7.81
C ARG B 62 -26.65 -12.74 7.53
N PHE B 63 -27.52 -12.17 6.69
CA PHE B 63 -27.39 -10.77 6.31
C PHE B 63 -28.01 -9.88 7.38
N TYR B 64 -27.16 -9.22 8.17
CA TYR B 64 -27.59 -8.20 9.11
C TYR B 64 -27.61 -6.85 8.39
N THR B 65 -28.74 -6.14 8.50
CA THR B 65 -28.89 -4.83 7.89
C THR B 65 -28.66 -3.75 8.94
N LEU B 66 -27.70 -2.87 8.69
CA LEU B 66 -27.33 -1.83 9.62
C LEU B 66 -28.21 -0.60 9.43
N ASP B 67 -27.83 0.49 10.08
CA ASP B 67 -28.57 1.74 9.94
C ASP B 67 -28.18 2.45 8.65
N SER B 68 -29.13 3.20 8.10
CA SER B 68 -28.92 3.90 6.85
C SER B 68 -28.51 5.34 7.11
N VAL B 69 -27.70 5.89 6.20
CA VAL B 69 -27.23 7.26 6.29
C VAL B 69 -27.64 8.00 5.02
N GLN B 70 -27.79 9.31 5.15
CA GLN B 70 -28.27 10.14 4.06
C GLN B 70 -27.09 10.68 3.25
N TRP B 71 -27.23 10.65 1.92
CA TRP B 71 -26.21 11.17 1.02
C TRP B 71 -26.63 12.55 0.55
N GLN B 72 -26.04 13.58 1.13
CA GLN B 72 -26.31 14.96 0.74
C GLN B 72 -25.28 15.42 -0.29
N LYS B 73 -25.47 16.65 -0.78
CA LYS B 73 -24.52 17.20 -1.73
C LYS B 73 -23.18 17.55 -1.10
N THR B 74 -23.09 17.59 0.23
CA THR B 74 -21.87 17.99 0.92
C THR B 74 -21.47 16.94 1.95
N SER B 75 -21.58 15.67 1.58
CA SER B 75 -21.21 14.58 2.47
C SER B 75 -19.81 14.10 2.16
N PRO B 76 -18.92 14.02 3.16
CA PRO B 76 -17.53 13.65 2.87
C PRO B 76 -17.28 12.15 2.79
N GLY B 77 -18.06 11.33 3.47
CA GLY B 77 -17.86 9.89 3.49
C GLY B 77 -18.12 9.30 4.87
N TRP B 78 -18.12 7.97 4.93
CA TRP B 78 -18.41 7.26 6.20
C TRP B 78 -17.49 6.05 6.32
N TRP B 79 -17.22 5.59 7.55
CA TRP B 79 -16.40 4.37 7.77
C TRP B 79 -17.08 3.48 8.81
N TRP B 80 -16.92 2.15 8.67
CA TRP B 80 -17.56 1.19 9.63
C TRP B 80 -16.51 0.17 10.06
N LYS B 81 -16.61 -0.35 11.29
CA LYS B 81 -15.69 -1.44 11.71
C LYS B 81 -16.52 -2.72 11.72
N LEU B 82 -16.13 -3.74 10.94
CA LEU B 82 -16.98 -4.96 10.80
C LEU B 82 -17.15 -5.73 12.11
N PRO B 83 -16.11 -5.97 12.96
CA PRO B 83 -16.34 -6.65 14.25
C PRO B 83 -17.24 -5.85 15.20
N ASP B 84 -17.07 -4.52 15.24
CA ASP B 84 -17.84 -3.68 16.20
C ASP B 84 -19.29 -3.51 15.73
N ALA B 85 -19.49 -3.25 14.43
CA ALA B 85 -20.87 -2.96 13.97
C ALA B 85 -21.85 -4.08 14.32
N LEU B 86 -21.42 -5.34 14.19
CA LEU B 86 -22.36 -6.49 14.41
C LEU B 86 -22.29 -6.97 15.86
N SER B 87 -21.49 -6.32 16.71
CA SER B 87 -21.32 -6.75 18.13
C SER B 87 -22.64 -6.65 18.91
N ASN B 88 -23.60 -5.84 18.46
CA ASN B 88 -24.82 -5.64 19.23
C ASN B 88 -26.02 -6.09 18.43
N LEU B 89 -25.84 -7.10 17.59
CA LEU B 89 -26.93 -7.53 16.69
C LEU B 89 -27.00 -9.05 16.56
N GLY B 90 -27.92 -9.70 17.28
CA GLY B 90 -28.14 -11.14 17.08
C GLY B 90 -27.14 -12.05 17.75
N LEU B 91 -27.14 -13.33 17.39
CA LEU B 91 -26.25 -14.32 18.06
C LEU B 91 -24.79 -14.08 17.68
N PHE B 92 -24.49 -13.43 16.56
CA PHE B 92 -23.06 -13.11 16.29
C PHE B 92 -22.55 -12.23 17.42
N GLY B 93 -23.34 -11.24 17.83
CA GLY B 93 -22.94 -10.39 18.96
C GLY B 93 -22.86 -11.19 20.25
N GLN B 94 -23.83 -12.06 20.50
CA GLN B 94 -23.86 -12.87 21.74
C GLN B 94 -22.65 -13.82 21.78
N ASN B 95 -22.30 -14.40 20.64
CA ASN B 95 -21.19 -15.39 20.62
C ASN B 95 -19.85 -14.66 20.76
N MET B 96 -19.56 -13.69 19.89
CA MET B 96 -18.31 -12.97 20.06
C MET B 96 -18.18 -12.34 21.44
N GLN B 97 -19.26 -12.28 22.20
CA GLN B 97 -19.25 -11.74 23.55
C GLN B 97 -18.98 -12.79 24.62
N TYR B 98 -19.41 -14.03 24.41
CA TYR B 98 -19.23 -15.10 25.38
C TYR B 98 -17.95 -15.89 25.18
N HIS B 99 -17.20 -15.63 24.12
CA HIS B 99 -16.01 -16.39 23.78
C HIS B 99 -14.77 -15.52 23.92
N TYR B 100 -13.61 -16.12 23.66
CA TYR B 100 -12.34 -15.42 23.69
C TYR B 100 -11.72 -15.26 22.32
N LEU B 101 -11.74 -16.29 21.49
CA LEU B 101 -11.17 -16.24 20.15
C LEU B 101 -12.27 -16.43 19.12
N GLY B 102 -12.22 -15.61 18.07
CA GLY B 102 -13.20 -15.70 17.00
C GLY B 102 -12.54 -15.59 15.65
N ARG B 103 -13.22 -16.14 14.64
CA ARG B 103 -12.67 -16.15 13.28
C ARG B 103 -13.83 -16.17 12.30
N THR B 104 -13.79 -15.29 11.30
CA THR B 104 -14.86 -15.22 10.32
C THR B 104 -14.43 -14.36 9.14
N GLY B 105 -15.02 -14.64 7.97
CA GLY B 105 -14.94 -13.77 6.83
C GLY B 105 -16.23 -12.99 6.68
N TYR B 106 -16.25 -11.99 5.80
CA TYR B 106 -17.46 -11.12 5.73
C TYR B 106 -17.90 -10.87 4.29
N THR B 107 -19.21 -10.75 4.07
CA THR B 107 -19.72 -10.37 2.72
C THR B 107 -20.31 -8.97 2.86
N ILE B 108 -19.87 -8.02 2.04
CA ILE B 108 -20.33 -6.61 2.23
C ILE B 108 -21.25 -6.23 1.06
N HIS B 109 -22.47 -5.78 1.36
CA HIS B 109 -23.37 -5.30 0.29
C HIS B 109 -23.81 -3.87 0.59
N VAL B 110 -23.62 -2.95 -0.35
CA VAL B 110 -24.00 -1.52 -0.14
C VAL B 110 -25.11 -1.18 -1.13
N GLN B 111 -26.22 -0.62 -0.67
CA GLN B 111 -27.38 -0.36 -1.56
C GLN B 111 -27.70 1.13 -1.62
N CYS B 112 -27.51 1.76 -2.79
CA CYS B 112 -27.89 3.16 -2.96
C CYS B 112 -28.49 3.32 -4.35
N ASN B 113 -29.80 3.58 -4.42
CA ASN B 113 -30.53 3.59 -5.67
C ASN B 113 -30.97 5.00 -6.01
N ALA B 114 -30.88 5.35 -7.29
CA ALA B 114 -31.28 6.66 -7.77
C ALA B 114 -31.83 6.50 -9.19
N SER B 115 -32.62 7.48 -9.62
CA SER B 115 -33.28 7.41 -10.91
C SER B 115 -32.27 7.71 -12.02
N LYS B 116 -32.78 7.86 -13.25
CA LYS B 116 -31.92 8.15 -14.39
C LYS B 116 -31.46 9.60 -14.44
N PHE B 117 -32.06 10.49 -13.65
CA PHE B 117 -31.74 11.90 -13.70
C PHE B 117 -30.81 12.35 -12.58
N HIS B 118 -30.34 11.43 -11.75
CA HIS B 118 -29.35 11.73 -10.72
C HIS B 118 -27.96 11.38 -11.25
N GLN B 119 -26.94 11.91 -10.57
CA GLN B 119 -25.57 11.63 -10.92
C GLN B 119 -24.72 11.62 -9.65
N GLY B 120 -23.64 10.86 -9.70
CA GLY B 120 -22.77 10.69 -8.55
C GLY B 120 -21.98 9.41 -8.67
N CYS B 121 -21.04 9.24 -7.74
CA CYS B 121 -20.19 8.06 -7.76
C CYS B 121 -19.64 7.81 -6.36
N LEU B 122 -19.70 6.56 -5.91
CA LEU B 122 -19.21 6.21 -4.55
C LEU B 122 -18.06 5.20 -4.66
N LEU B 123 -17.15 5.20 -3.70
CA LEU B 123 -16.08 4.17 -3.68
C LEU B 123 -16.30 3.31 -2.44
N VAL B 124 -16.50 2.01 -2.60
CA VAL B 124 -16.65 1.10 -1.42
C VAL B 124 -15.35 0.31 -1.30
N VAL B 125 -14.58 0.53 -0.23
CA VAL B 125 -13.25 -0.16 -0.10
C VAL B 125 -13.15 -0.84 1.27
N CYS B 126 -12.70 -2.09 1.31
CA CYS B 126 -12.49 -2.79 2.60
C CYS B 126 -11.00 -2.71 2.97
N VAL B 127 -10.64 -1.80 3.87
CA VAL B 127 -9.24 -1.61 4.23
C VAL B 127 -8.90 -2.54 5.39
N PRO B 128 -7.94 -3.44 5.25
CA PRO B 128 -7.54 -4.28 6.39
C PRO B 128 -6.57 -3.55 7.29
N GLU B 129 -6.74 -3.69 8.60
CA GLU B 129 -5.84 -3.04 9.59
C GLU B 129 -5.73 -1.55 9.30
N ALA B 130 -6.81 -0.80 9.57
CA ALA B 130 -6.83 0.66 9.29
C ALA B 130 -6.53 1.45 10.56
N GLU B 131 -5.27 1.50 10.98
CA GLU B 131 -4.90 2.33 12.16
C GLU B 131 -5.12 3.80 11.77
N MET B 132 -5.72 4.61 12.66
CA MET B 132 -6.05 6.01 12.29
C MET B 132 -5.33 7.01 13.19
N GLY B 133 -4.76 8.07 12.61
CA GLY B 133 -4.01 9.07 13.39
C GLY B 133 -4.90 10.00 14.18
N CYS B 134 -4.48 10.40 15.39
CA CYS B 134 -5.26 11.33 16.24
C CYS B 134 -5.08 12.77 15.74
N ALA B 135 -6.01 13.67 16.11
CA ALA B 135 -5.92 15.09 15.71
C ALA B 135 -4.65 15.73 16.28
N THR B 136 -4.31 15.41 17.53
CA THR B 136 -3.08 15.97 18.16
C THR B 136 -1.98 14.91 18.15
N LEU B 137 -0.74 15.30 17.84
CA LEU B 137 0.38 14.33 17.70
C LEU B 137 0.62 13.56 19.01
N ASP B 138 0.49 14.22 20.17
CA ASP B 138 0.82 13.53 21.44
C ASP B 138 -0.24 12.48 21.81
N ASN B 139 -1.53 12.79 21.66
CA ASN B 139 -2.61 11.88 22.11
C ASN B 139 -2.94 10.81 21.05
N THR B 140 -3.63 9.73 21.46
CA THR B 140 -4.08 8.68 20.50
C THR B 140 -5.62 8.67 20.51
N PRO B 141 -6.37 8.26 19.46
CA PRO B 141 -7.84 8.37 19.51
C PRO B 141 -8.43 7.44 20.55
N SER B 142 -9.57 7.87 21.09
CA SER B 142 -10.26 7.10 22.12
C SER B 142 -11.20 6.08 21.49
N SER B 143 -11.67 5.16 22.32
CA SER B 143 -12.53 4.08 21.83
C SER B 143 -13.93 4.57 21.50
N ALA B 144 -14.36 5.71 22.04
CA ALA B 144 -15.69 6.21 21.73
C ALA B 144 -15.72 7.05 20.46
N GLU B 145 -14.55 7.46 19.96
CA GLU B 145 -14.52 8.29 18.76
C GLU B 145 -14.16 7.47 17.52
N LEU B 146 -13.34 6.43 17.70
CA LEU B 146 -12.86 5.64 16.53
C LEU B 146 -13.96 4.72 15.99
N LEU B 147 -14.59 3.91 16.86
CA LEU B 147 -15.59 2.93 16.44
C LEU B 147 -16.95 3.31 16.98
N GLY B 148 -17.96 3.27 16.12
CA GLY B 148 -19.33 3.51 16.54
C GLY B 148 -20.20 2.29 16.34
N GLY B 149 -20.66 1.70 17.45
CA GLY B 149 -21.48 0.51 17.39
C GLY B 149 -22.79 0.71 16.66
N ASP B 150 -22.96 0.02 15.54
CA ASP B 150 -24.16 0.15 14.70
C ASP B 150 -24.41 1.62 14.34
N ALA B 151 -23.33 2.35 14.11
CA ALA B 151 -23.41 3.76 13.76
C ALA B 151 -22.30 4.08 12.76
N ALA B 152 -22.60 4.97 11.83
CA ALA B 152 -21.68 5.33 10.77
C ALA B 152 -20.99 6.63 11.14
N LYS B 153 -19.69 6.55 11.46
CA LYS B 153 -18.89 7.77 11.80
C LYS B 153 -18.56 8.52 10.50
N GLU B 154 -19.00 9.78 10.40
CA GLU B 154 -18.77 10.57 9.15
C GLU B 154 -17.37 11.16 9.15
N PHE B 155 -16.88 11.57 7.97
CA PHE B 155 -15.54 12.21 7.85
C PHE B 155 -15.68 13.74 7.94
N ALA B 156 -14.66 14.48 7.51
CA ALA B 156 -14.71 15.93 7.52
C ALA B 156 -14.09 16.49 6.26
N GLY B 157 -14.63 17.60 5.76
CA GLY B 157 -14.10 18.20 4.55
C GLY B 157 -12.83 19.00 4.79
N GLU B 158 -12.72 19.58 5.99
CA GLU B 158 -11.54 20.41 6.35
C GLU B 158 -10.77 19.73 7.47
N PRO B 159 -9.47 20.07 7.70
CA PRO B 159 -8.66 19.42 8.73
C PRO B 159 -9.19 19.62 10.16
N ILE B 160 -9.09 18.58 11.00
CA ILE B 160 -9.54 18.66 12.42
C ILE B 160 -8.55 19.56 13.19
N ALA B 161 -9.02 20.24 14.24
CA ALA B 161 -8.16 21.16 15.02
C ALA B 161 -7.03 20.40 15.71
N SER B 162 -5.85 21.04 15.84
CA SER B 162 -4.67 20.37 16.44
C SER B 162 -4.63 20.59 17.95
N GLY B 163 -5.66 21.23 18.52
CA GLY B 163 -5.73 21.44 19.98
C GLY B 163 -5.81 20.09 20.68
N SER B 164 -5.28 19.98 21.92
CA SER B 164 -5.23 18.65 22.57
C SER B 164 -6.64 18.05 22.68
N ASN B 165 -6.81 16.81 22.19
CA ASN B 165 -8.13 16.12 22.23
C ASN B 165 -7.91 14.65 21.89
N LYS B 166 -8.93 13.80 22.01
CA LYS B 166 -8.78 12.39 21.58
C LYS B 166 -9.59 12.17 20.31
N LEU B 167 -9.91 13.26 19.59
CA LEU B 167 -10.67 13.15 18.32
C LEU B 167 -9.81 12.53 17.23
N VAL B 168 -10.39 11.67 16.38
CA VAL B 168 -9.65 11.07 15.24
C VAL B 168 -9.46 12.14 14.17
N GLN B 169 -8.37 12.07 13.39
CA GLN B 169 -8.22 13.01 12.25
C GLN B 169 -9.21 12.55 11.18
N ARG B 170 -10.31 13.29 10.97
CA ARG B 170 -11.35 12.86 10.06
C ARG B 170 -11.28 13.54 8.70
N VAL B 171 -10.14 14.12 8.33
CA VAL B 171 -10.03 14.76 7.03
C VAL B 171 -10.15 13.70 5.93
N VAL B 172 -10.91 14.02 4.89
CA VAL B 172 -11.29 13.01 3.92
C VAL B 172 -10.19 12.78 2.88
N TYR B 173 -9.51 13.85 2.44
CA TYR B 173 -8.49 13.65 1.41
C TYR B 173 -7.23 12.98 1.95
N ASN B 174 -7.24 12.51 3.20
CA ASN B 174 -6.17 11.70 3.75
C ASN B 174 -6.67 10.40 4.36
N ALA B 175 -7.98 10.16 4.35
CA ALA B 175 -8.59 8.92 4.83
C ALA B 175 -8.30 8.63 6.29
N GLY B 176 -7.71 9.59 7.02
CA GLY B 176 -7.45 9.40 8.43
C GLY B 176 -6.20 8.59 8.72
N MET B 177 -5.81 7.71 7.81
CA MET B 177 -4.62 6.90 7.98
C MET B 177 -3.37 7.57 7.42
N GLY B 178 -3.50 8.79 6.91
CA GLY B 178 -2.37 9.49 6.35
C GLY B 178 -1.89 8.89 5.05
N ILE B 179 -2.77 8.84 4.05
CA ILE B 179 -2.42 8.38 2.71
C ILE B 179 -3.16 9.24 1.70
N GLY B 180 -2.72 9.17 0.45
CA GLY B 180 -3.50 9.76 -0.62
C GLY B 180 -4.77 8.96 -0.84
N VAL B 181 -5.92 9.64 -0.75
CA VAL B 181 -7.23 8.93 -0.91
C VAL B 181 -7.28 8.28 -2.31
N GLY B 182 -6.49 8.80 -3.25
CA GLY B 182 -6.42 8.22 -4.61
C GLY B 182 -5.87 6.80 -4.64
N ASN B 183 -4.90 6.48 -3.76
CA ASN B 183 -4.22 5.16 -3.81
C ASN B 183 -4.97 4.10 -2.99
N LEU B 184 -6.17 4.42 -2.49
CA LEU B 184 -7.00 3.45 -1.70
C LEU B 184 -7.41 2.28 -2.59
N THR B 185 -7.29 2.41 -3.91
CA THR B 185 -7.74 1.36 -4.87
C THR B 185 -7.01 0.04 -4.66
N ILE B 186 -5.75 0.06 -4.18
CA ILE B 186 -4.96 -1.19 -4.00
C ILE B 186 -5.80 -2.26 -3.27
N PHE B 187 -6.73 -1.85 -2.41
CA PHE B 187 -7.53 -2.83 -1.62
C PHE B 187 -8.73 -3.30 -2.46
N PRO B 188 -9.40 -4.45 -2.18
CA PRO B 188 -10.62 -4.84 -2.90
C PRO B 188 -11.63 -3.69 -2.84
N HIS B 189 -12.09 -3.21 -4.00
CA HIS B 189 -12.99 -2.01 -4.00
C HIS B 189 -14.05 -2.14 -5.10
N GLN B 190 -15.16 -1.40 -4.96
CA GLN B 190 -16.23 -1.41 -6.00
C GLN B 190 -16.65 0.03 -6.26
N TRP B 191 -17.12 0.33 -7.48
CA TRP B 191 -17.62 1.70 -7.78
C TRP B 191 -19.14 1.66 -8.02
N ILE B 192 -19.91 2.43 -7.24
CA ILE B 192 -21.38 2.50 -7.48
C ILE B 192 -21.67 3.84 -8.17
N ASN B 193 -21.71 3.84 -9.51
CA ASN B 193 -22.07 5.10 -10.23
C ASN B 193 -23.58 5.10 -10.47
N LEU B 194 -24.27 6.17 -10.05
CA LEU B 194 -25.75 6.17 -10.16
C LEU B 194 -26.19 6.10 -11.62
N ARG B 195 -25.24 6.19 -12.55
CA ARG B 195 -25.56 6.10 -14.00
C ARG B 195 -25.83 4.64 -14.37
N THR B 196 -25.13 3.69 -13.74
CA THR B 196 -25.26 2.26 -14.10
C THR B 196 -25.46 1.38 -12.85
N ASN B 197 -24.44 1.28 -11.99
CA ASN B 197 -24.52 0.37 -10.81
C ASN B 197 -25.53 0.88 -9.79
N ASN B 198 -26.25 -0.02 -9.11
CA ASN B 198 -27.16 0.40 -8.01
C ASN B 198 -26.69 -0.26 -6.71
N SER B 199 -25.76 -1.21 -6.79
CA SER B 199 -25.30 -1.94 -5.58
C SER B 199 -23.85 -2.39 -5.72
N ALA B 200 -23.18 -2.68 -4.60
CA ALA B 200 -21.79 -3.12 -4.63
C ALA B 200 -21.61 -4.28 -3.64
N THR B 201 -21.03 -5.38 -4.13
CA THR B 201 -20.81 -6.58 -3.34
C THR B 201 -19.31 -6.85 -3.21
N ILE B 202 -18.88 -7.20 -2.01
CA ILE B 202 -17.49 -7.52 -1.74
C ILE B 202 -17.45 -8.77 -0.85
N VAL B 203 -16.46 -9.62 -1.05
CA VAL B 203 -16.30 -10.82 -0.23
C VAL B 203 -14.91 -10.83 0.38
N MET B 204 -14.81 -10.44 1.65
CA MET B 204 -13.47 -10.39 2.21
C MET B 204 -13.19 -11.65 3.04
N PRO B 205 -12.10 -12.34 2.76
CA PRO B 205 -11.71 -13.47 3.61
C PRO B 205 -11.14 -13.00 4.94
N TYR B 206 -10.67 -13.93 5.76
CA TYR B 206 -10.11 -13.57 7.06
C TYR B 206 -8.65 -13.21 6.90
N THR B 207 -8.34 -11.92 6.97
CA THR B 207 -6.98 -11.42 6.78
C THR B 207 -6.43 -10.95 8.13
N ASN B 208 -5.50 -11.71 8.68
CA ASN B 208 -4.90 -11.40 9.97
C ASN B 208 -3.60 -12.18 10.08
N SER B 209 -2.72 -11.71 10.96
CA SER B 209 -1.39 -12.28 11.13
C SER B 209 -1.37 -13.43 12.12
N VAL B 210 -2.52 -13.85 12.65
CA VAL B 210 -2.60 -14.96 13.58
C VAL B 210 -3.77 -15.84 13.18
N PRO B 211 -3.77 -17.11 13.58
CA PRO B 211 -4.91 -17.97 13.26
C PRO B 211 -6.23 -17.42 13.78
N MET B 212 -6.30 -17.09 15.07
CA MET B 212 -7.52 -16.48 15.67
C MET B 212 -7.12 -15.28 16.53
N ASP B 213 -7.99 -14.26 16.63
CA ASP B 213 -7.70 -13.06 17.47
C ASP B 213 -8.98 -12.65 18.21
N ASN B 214 -8.84 -11.95 19.34
CA ASN B 214 -10.03 -11.45 20.08
C ASN B 214 -10.68 -10.33 19.26
N MET B 215 -11.99 -10.42 19.02
CA MET B 215 -12.72 -9.40 18.21
C MET B 215 -12.79 -8.05 18.93
N PHE B 216 -12.99 -8.05 20.26
CA PHE B 216 -13.19 -6.76 20.99
C PHE B 216 -11.96 -5.85 20.93
N ARG B 217 -10.75 -6.40 21.10
CA ARG B 217 -9.55 -5.52 21.17
C ARG B 217 -8.80 -5.47 19.83
N HIS B 218 -9.46 -5.88 18.75
CA HIS B 218 -8.81 -5.88 17.43
C HIS B 218 -9.87 -5.92 16.35
N ASN B 219 -9.98 -4.86 15.57
CA ASN B 219 -10.94 -4.76 14.47
C ASN B 219 -10.15 -4.81 13.16
N ASN B 220 -10.24 -5.95 12.47
CA ASN B 220 -9.41 -6.16 11.29
C ASN B 220 -9.80 -5.24 10.14
N ILE B 221 -11.02 -5.37 9.64
CA ILE B 221 -11.43 -4.72 8.41
C ILE B 221 -12.23 -3.47 8.74
N THR B 222 -12.00 -2.41 7.95
CA THR B 222 -12.75 -1.14 8.14
C THR B 222 -13.37 -0.74 6.80
N LEU B 223 -14.67 -0.99 6.63
CA LEU B 223 -15.37 -0.60 5.39
C LEU B 223 -15.34 0.93 5.27
N MET B 224 -15.00 1.46 4.10
CA MET B 224 -15.01 2.93 3.89
C MET B 224 -15.83 3.27 2.64
N VAL B 225 -16.77 4.20 2.74
CA VAL B 225 -17.52 4.64 1.52
C VAL B 225 -17.13 6.10 1.26
N ILE B 226 -16.60 6.40 0.06
CA ILE B 226 -16.11 7.79 -0.22
C ILE B 226 -16.82 8.34 -1.46
N PRO B 227 -17.66 9.41 -1.40
CA PRO B 227 -18.26 9.99 -2.63
C PRO B 227 -17.32 10.87 -3.44
N PHE B 228 -16.55 10.24 -4.33
CA PHE B 228 -15.60 10.98 -5.15
C PHE B 228 -16.29 12.08 -5.96
N VAL B 229 -17.33 11.75 -6.69
CA VAL B 229 -18.09 12.71 -7.49
C VAL B 229 -19.39 13.02 -6.75
N PRO B 230 -19.64 14.27 -6.38
CA PRO B 230 -20.79 14.58 -5.54
C PRO B 230 -22.11 14.34 -6.26
N LEU B 231 -23.17 14.26 -5.47
CA LEU B 231 -24.51 14.04 -5.99
C LEU B 231 -25.10 15.35 -6.49
N ASP B 232 -25.77 15.29 -7.63
CA ASP B 232 -26.37 16.47 -8.24
C ASP B 232 -27.74 16.10 -8.78
N TYR B 233 -28.62 17.10 -8.83
CA TYR B 233 -29.93 16.96 -9.44
C TYR B 233 -30.52 18.34 -9.67
N CYS B 234 -31.62 18.37 -10.40
CA CYS B 234 -32.38 19.59 -10.65
C CYS B 234 -33.64 19.60 -9.79
N PRO B 235 -34.19 20.78 -9.50
CA PRO B 235 -35.41 20.84 -8.69
C PRO B 235 -36.54 20.05 -9.31
N GLY B 236 -37.19 19.22 -8.50
CA GLY B 236 -38.24 18.31 -8.95
C GLY B 236 -37.97 16.86 -8.63
N SER B 237 -36.72 16.50 -8.37
CA SER B 237 -36.35 15.14 -8.01
C SER B 237 -36.28 15.00 -6.50
N THR B 238 -36.41 13.75 -6.03
CA THR B 238 -36.34 13.48 -4.61
C THR B 238 -34.94 13.77 -4.08
N THR B 239 -34.88 14.50 -2.98
CA THR B 239 -33.60 14.96 -2.44
C THR B 239 -33.02 14.04 -1.37
N TYR B 240 -33.84 13.17 -0.77
CA TYR B 240 -33.39 12.27 0.28
C TYR B 240 -33.02 10.93 -0.35
N VAL B 241 -31.73 10.75 -0.63
CA VAL B 241 -31.23 9.50 -1.21
C VAL B 241 -30.38 8.80 -0.15
N PRO B 242 -30.87 7.71 0.44
CA PRO B 242 -30.15 7.06 1.53
C PRO B 242 -29.14 6.05 1.03
N ILE B 243 -28.32 5.55 1.96
CA ILE B 243 -27.34 4.51 1.70
C ILE B 243 -27.48 3.45 2.77
N THR B 244 -27.62 2.20 2.36
CA THR B 244 -27.78 1.10 3.30
C THR B 244 -26.60 0.15 3.16
N VAL B 245 -26.22 -0.48 4.27
CA VAL B 245 -25.07 -1.44 4.27
C VAL B 245 -25.51 -2.72 4.96
N THR B 246 -25.42 -3.86 4.26
CA THR B 246 -25.77 -5.17 4.87
C THR B 246 -24.51 -6.03 4.99
N ILE B 247 -24.23 -6.56 6.19
CA ILE B 247 -22.99 -7.36 6.42
C ILE B 247 -23.40 -8.80 6.76
N ALA B 248 -22.81 -9.78 6.08
CA ALA B 248 -23.09 -11.19 6.42
C ALA B 248 -21.79 -11.90 6.81
N PRO B 249 -21.68 -12.47 8.03
CA PRO B 249 -20.50 -13.26 8.40
C PRO B 249 -20.50 -14.60 7.64
N MET B 250 -19.31 -15.19 7.44
CA MET B 250 -19.19 -16.44 6.71
C MET B 250 -18.09 -17.28 7.36
N CYS B 251 -18.38 -18.56 7.55
CA CYS B 251 -17.42 -19.51 8.12
C CYS B 251 -16.92 -19.05 9.48
N ALA B 252 -17.87 -18.67 10.34
CA ALA B 252 -17.54 -18.15 11.65
C ALA B 252 -17.38 -19.28 12.64
N GLU B 253 -16.31 -19.23 13.44
CA GLU B 253 -16.09 -20.18 14.51
C GLU B 253 -15.42 -19.48 15.68
N TYR B 254 -15.48 -20.11 16.85
CA TYR B 254 -15.03 -19.50 18.10
C TYR B 254 -14.33 -20.53 18.97
N ASN B 255 -13.66 -20.03 20.00
CA ASN B 255 -12.92 -20.87 20.94
C ASN B 255 -12.77 -20.13 22.26
N GLY B 256 -12.66 -20.90 23.34
CA GLY B 256 -12.42 -20.31 24.64
C GLY B 256 -13.66 -19.78 25.34
N LEU B 257 -14.62 -20.67 25.62
CA LEU B 257 -15.89 -20.24 26.27
C LEU B 257 -15.56 -19.61 27.63
N ARG B 258 -16.01 -18.36 27.85
CA ARG B 258 -15.70 -17.64 29.11
C ARG B 258 -16.95 -16.88 29.58
N LEU B 259 -16.97 -16.44 30.85
CA LEU B 259 -18.16 -15.75 31.40
C LEU B 259 -18.42 -14.46 30.62
N ALA B 260 -19.70 -14.14 30.38
CA ALA B 260 -20.06 -12.93 29.60
C ALA B 260 -19.09 -11.79 29.91
N SER B 261 -18.61 -11.09 28.87
CA SER B 261 -17.70 -9.93 29.06
C SER B 261 -18.07 -8.82 28.06
N HIS B 262 -18.26 -7.59 28.56
CA HIS B 262 -18.63 -6.45 27.74
C HIS B 262 -17.79 -5.23 28.05
N GLY C 1 47.71 -23.78 7.32
CA GLY C 1 48.89 -23.07 6.83
C GLY C 1 48.79 -22.73 5.36
N LEU C 2 47.58 -22.62 4.86
CA LEU C 2 47.36 -22.30 3.45
C LEU C 2 47.75 -20.85 3.17
N PRO C 3 48.74 -20.60 2.32
CA PRO C 3 49.16 -19.21 2.06
C PRO C 3 48.15 -18.51 1.17
N THR C 4 47.64 -17.37 1.63
CA THR C 4 46.66 -16.59 0.90
C THR C 4 47.22 -15.19 0.63
N MET C 5 46.37 -14.32 0.09
CA MET C 5 46.75 -12.95 -0.21
C MET C 5 45.47 -12.12 -0.32
N ASN C 6 45.35 -11.10 0.53
CA ASN C 6 44.19 -10.23 0.50
C ASN C 6 44.25 -9.29 -0.68
N THR C 7 43.10 -9.06 -1.30
CA THR C 7 42.98 -8.20 -2.47
C THR C 7 42.36 -6.87 -2.09
N PRO C 8 42.55 -5.83 -2.90
CA PRO C 8 41.86 -4.55 -2.65
C PRO C 8 40.37 -4.76 -2.57
N GLY C 9 39.77 -4.19 -1.54
CA GLY C 9 38.37 -4.37 -1.24
C GLY C 9 38.08 -5.22 -0.03
N SER C 10 39.06 -5.44 0.84
CA SER C 10 38.89 -6.26 2.03
C SER C 10 38.60 -5.37 3.23
N CYS C 11 37.91 -5.96 4.20
CA CYS C 11 37.58 -5.28 5.46
C CYS C 11 36.83 -3.98 5.20
N GLN C 12 35.89 -4.03 4.27
CA GLN C 12 35.05 -2.88 3.95
C GLN C 12 33.60 -3.21 4.26
N PHE C 13 32.78 -2.18 4.35
CA PHE C 13 31.35 -2.32 4.63
C PHE C 13 30.59 -1.77 3.43
N LEU C 14 30.36 -2.61 2.44
CA LEU C 14 29.57 -2.23 1.27
C LEU C 14 28.10 -2.39 1.60
N THR C 15 27.29 -1.42 1.18
CA THR C 15 25.87 -1.44 1.54
C THR C 15 25.12 -2.57 0.84
N SER C 16 25.19 -2.64 -0.47
CA SER C 16 24.43 -3.64 -1.24
C SER C 16 25.29 -4.88 -1.48
N ASP C 17 25.65 -5.54 -0.39
CA ASP C 17 26.46 -6.76 -0.43
C ASP C 17 25.60 -7.95 -0.03
N ASP C 18 26.09 -9.15 -0.34
CA ASP C 18 25.38 -10.39 -0.05
C ASP C 18 26.40 -11.45 0.37
N PHE C 19 26.64 -11.56 1.66
CA PHE C 19 27.56 -12.56 2.20
C PHE C 19 26.86 -13.39 3.26
N GLN C 20 27.60 -14.25 3.94
CA GLN C 20 27.07 -15.05 5.04
C GLN C 20 27.59 -14.49 6.35
N SER C 21 26.86 -14.74 7.42
CA SER C 21 27.19 -14.18 8.72
C SER C 21 26.78 -15.13 9.84
N PRO C 22 27.61 -15.27 10.86
CA PRO C 22 27.26 -16.16 11.97
C PRO C 22 26.08 -15.62 12.75
N SER C 23 25.15 -16.51 13.08
CA SER C 23 23.92 -16.10 13.76
C SER C 23 24.18 -15.88 15.24
N ALA C 24 23.52 -14.86 15.80
CA ALA C 24 23.72 -14.56 17.22
C ALA C 24 22.94 -15.51 18.11
N MET C 25 21.86 -16.08 17.55
CA MET C 25 20.99 -17.01 18.32
C MET C 25 20.97 -18.39 17.60
N PRO C 26 21.81 -19.39 17.97
CA PRO C 26 21.85 -20.65 17.23
C PRO C 26 20.72 -21.58 17.63
N GLN C 27 20.28 -22.38 16.65
CA GLN C 27 19.24 -23.38 16.86
C GLN C 27 17.94 -22.74 17.35
N TYR C 28 17.40 -21.84 16.55
CA TYR C 28 16.15 -21.16 16.86
C TYR C 28 15.02 -21.81 16.07
N ASP C 29 13.95 -22.19 16.78
CA ASP C 29 12.79 -22.81 16.14
C ASP C 29 11.86 -21.71 15.65
N VAL C 30 11.92 -21.41 14.36
CA VAL C 30 11.14 -20.35 13.75
C VAL C 30 9.66 -20.73 13.78
N THR C 31 8.81 -19.74 14.02
CA THR C 31 7.37 -19.97 14.00
C THR C 31 6.93 -20.37 12.60
N PRO C 32 6.17 -21.46 12.43
CA PRO C 32 5.83 -21.92 11.09
C PRO C 32 5.00 -20.90 10.32
N GLU C 33 5.00 -21.08 9.00
CA GLU C 33 4.28 -20.14 8.12
C GLU C 33 2.83 -20.58 7.96
N MET C 34 1.95 -19.64 7.65
CA MET C 34 0.54 -19.88 7.41
C MET C 34 0.11 -19.18 6.14
N LYS C 35 -1.05 -19.57 5.62
CA LYS C 35 -1.56 -19.03 4.38
C LYS C 35 -2.31 -17.73 4.66
N ILE C 36 -1.74 -16.61 4.24
CA ILE C 36 -2.34 -15.29 4.40
C ILE C 36 -2.68 -14.77 3.01
N PRO C 37 -3.91 -14.35 2.76
CA PRO C 37 -4.31 -14.00 1.38
C PRO C 37 -3.59 -12.75 0.89
N GLY C 38 -3.33 -12.73 -0.42
CA GLY C 38 -2.77 -11.55 -1.05
C GLY C 38 -1.27 -11.41 -0.89
N GLU C 39 -0.53 -12.44 -1.26
CA GLU C 39 0.93 -12.42 -1.16
C GLU C 39 1.52 -11.72 -2.38
N VAL C 40 2.41 -10.75 -2.12
CA VAL C 40 3.09 -10.02 -3.18
C VAL C 40 4.44 -10.67 -3.44
N LYS C 41 4.76 -10.86 -4.71
CA LYS C 41 6.04 -11.43 -5.12
C LYS C 41 6.82 -10.52 -6.04
N ASN C 42 6.26 -9.40 -6.46
CA ASN C 42 6.92 -8.48 -7.38
C ASN C 42 6.19 -7.16 -7.35
N LEU C 43 6.95 -6.07 -7.32
CA LEU C 43 6.35 -4.74 -7.19
C LEU C 43 5.53 -4.34 -8.41
N MET C 44 5.79 -4.94 -9.57
CA MET C 44 4.99 -4.66 -10.76
C MET C 44 3.61 -5.30 -10.70
N GLU C 45 3.29 -6.02 -9.64
CA GLU C 45 1.92 -6.43 -9.38
C GLU C 45 1.11 -5.32 -8.74
N ILE C 46 1.78 -4.31 -8.17
CA ILE C 46 1.11 -3.14 -7.65
C ILE C 46 0.97 -2.05 -8.72
N ALA C 47 1.96 -1.95 -9.61
CA ALA C 47 1.89 -0.97 -10.68
C ALA C 47 0.80 -1.28 -11.70
N GLU C 48 0.33 -2.52 -11.76
CA GLU C 48 -0.71 -2.91 -12.70
C GLU C 48 -2.11 -2.74 -12.13
N VAL C 49 -2.22 -2.02 -11.01
CA VAL C 49 -3.56 -1.74 -10.41
C VAL C 49 -3.94 -0.30 -10.76
N ASP C 50 -5.22 -0.05 -11.10
CA ASP C 50 -5.67 1.31 -11.49
C ASP C 50 -5.50 2.26 -10.31
N SER C 51 -4.98 3.47 -10.55
CA SER C 51 -4.81 4.47 -9.46
C SER C 51 -5.48 5.79 -9.89
N VAL C 52 -6.33 6.36 -9.02
CA VAL C 52 -7.06 7.61 -9.37
C VAL C 52 -6.03 8.72 -9.62
N VAL C 53 -6.18 9.47 -10.72
CA VAL C 53 -5.19 10.53 -11.08
C VAL C 53 -5.77 11.90 -10.70
N PRO C 54 -5.03 12.75 -9.96
CA PRO C 54 -5.51 14.12 -9.65
C PRO C 54 -5.19 15.08 -10.79
N VAL C 55 -5.93 14.98 -11.90
CA VAL C 55 -5.67 15.85 -13.09
C VAL C 55 -5.93 17.31 -12.74
N GLN C 56 -6.99 17.61 -11.98
CA GLN C 56 -7.34 19.03 -11.68
C GLN C 56 -6.58 19.48 -10.43
N ASN C 57 -5.25 19.55 -10.50
CA ASN C 57 -4.47 20.05 -9.37
C ASN C 57 -4.12 21.52 -9.61
N VAL C 58 -5.14 22.35 -9.46
CA VAL C 58 -5.04 23.78 -9.73
C VAL C 58 -5.34 24.53 -8.44
N GLY C 59 -4.32 25.18 -7.87
CA GLY C 59 -4.54 26.03 -6.71
C GLY C 59 -5.02 25.27 -5.50
N GLU C 60 -6.16 25.68 -4.96
CA GLU C 60 -6.70 25.10 -3.73
C GLU C 60 -7.35 23.74 -3.96
N LYS C 61 -7.61 23.36 -5.21
CA LYS C 61 -8.31 22.11 -5.49
C LYS C 61 -7.56 20.90 -4.96
N VAL C 62 -6.27 21.01 -4.67
CA VAL C 62 -5.52 19.87 -4.16
C VAL C 62 -5.86 19.57 -2.71
N ASN C 63 -6.56 20.46 -2.02
CA ASN C 63 -6.92 20.27 -0.63
C ASN C 63 -8.37 19.86 -0.46
N SER C 64 -8.92 19.11 -1.40
CA SER C 64 -10.28 18.63 -1.32
C SER C 64 -10.45 17.48 -2.31
N MET C 65 -11.64 16.90 -2.34
CA MET C 65 -11.95 15.82 -3.28
C MET C 65 -12.19 16.32 -4.69
N GLU C 66 -12.00 17.61 -4.94
CA GLU C 66 -12.20 18.16 -6.27
C GLU C 66 -10.98 18.03 -7.16
N ALA C 67 -9.89 17.45 -6.66
CA ALA C 67 -8.69 17.31 -7.47
C ALA C 67 -8.81 16.14 -8.45
N TYR C 68 -9.60 15.13 -8.11
CA TYR C 68 -9.72 13.94 -8.93
C TYR C 68 -10.82 14.05 -9.98
N GLN C 69 -11.57 15.16 -9.95
CA GLN C 69 -12.72 15.31 -10.89
C GLN C 69 -12.31 16.21 -12.06
N ILE C 70 -12.65 15.81 -13.30
CA ILE C 70 -12.37 16.68 -14.47
C ILE C 70 -13.71 17.24 -14.96
N PRO C 71 -13.92 18.58 -14.92
CA PRO C 71 -15.22 19.15 -15.30
C PRO C 71 -15.52 19.07 -16.80
N VAL C 72 -16.76 18.73 -17.17
CA VAL C 72 -17.18 18.69 -18.60
C VAL C 72 -18.62 19.20 -18.68
N ARG C 73 -18.90 20.20 -19.53
CA ARG C 73 -20.23 20.78 -19.55
C ARG C 73 -20.70 20.93 -21.00
N SER C 74 -21.99 21.22 -21.14
CA SER C 74 -22.57 21.45 -22.46
C SER C 74 -22.14 22.82 -22.97
N ASN C 75 -21.36 22.83 -24.04
CA ASN C 75 -20.73 24.04 -24.55
C ASN C 75 -21.55 24.59 -25.72
N GLU C 76 -21.23 25.81 -26.13
CA GLU C 76 -21.84 26.43 -27.32
C GLU C 76 -20.99 26.23 -28.56
N GLY C 77 -19.86 25.55 -28.44
CA GLY C 77 -19.00 25.30 -29.56
C GLY C 77 -18.45 23.90 -29.52
N SER C 78 -17.54 23.61 -30.46
CA SER C 78 -16.99 22.27 -30.56
C SER C 78 -15.52 22.37 -30.92
N GLY C 79 -14.75 21.37 -30.50
CA GLY C 79 -13.32 21.36 -30.73
C GLY C 79 -12.47 21.97 -29.64
N THR C 80 -13.06 22.34 -28.52
CA THR C 80 -12.30 22.89 -27.41
C THR C 80 -11.58 21.76 -26.66
N GLN C 81 -10.72 22.16 -25.73
CA GLN C 81 -9.91 21.21 -24.98
C GLN C 81 -10.49 20.97 -23.60
N VAL C 82 -10.38 19.72 -23.15
CA VAL C 82 -10.83 19.33 -21.81
C VAL C 82 -9.68 19.33 -20.83
N PHE C 83 -8.60 18.63 -21.15
CA PHE C 83 -7.41 18.62 -20.30
C PHE C 83 -6.22 18.17 -21.14
N GLY C 84 -5.05 18.27 -20.53
CA GLY C 84 -3.80 17.83 -21.13
C GLY C 84 -2.66 17.83 -20.15
N PHE C 85 -1.73 16.87 -20.30
CA PHE C 85 -0.56 16.77 -19.40
C PHE C 85 0.58 16.03 -20.12
N PRO C 86 1.86 16.30 -19.78
CA PRO C 86 2.99 15.58 -20.40
C PRO C 86 3.10 14.14 -19.91
N LEU C 87 3.74 13.27 -20.70
CA LEU C 87 3.96 11.87 -20.27
C LEU C 87 5.21 11.81 -19.40
N GLN C 88 5.10 12.26 -18.13
CA GLN C 88 6.25 12.24 -17.17
C GLN C 88 5.77 11.53 -15.89
N PRO C 89 5.63 10.17 -15.84
CA PRO C 89 5.06 9.51 -14.65
C PRO C 89 5.85 9.74 -13.36
N GLY C 90 7.19 9.77 -13.44
CA GLY C 90 8.02 9.93 -12.23
C GLY C 90 8.32 11.38 -11.90
N TYR C 91 7.85 12.34 -12.70
CA TYR C 91 8.25 13.76 -12.46
C TYR C 91 7.04 14.70 -12.38
N SER C 92 6.13 14.67 -13.36
CA SER C 92 5.03 15.63 -13.40
C SER C 92 4.20 15.55 -12.13
N SER C 93 3.64 16.68 -11.72
CA SER C 93 2.82 16.73 -10.53
C SER C 93 1.55 15.91 -10.66
N VAL C 94 1.15 15.57 -11.90
CA VAL C 94 -0.08 14.81 -12.10
C VAL C 94 0.11 13.35 -11.77
N PHE C 95 1.28 12.79 -12.12
CA PHE C 95 1.51 11.33 -11.90
C PHE C 95 2.41 11.08 -10.70
N SER C 96 2.88 12.14 -10.02
CA SER C 96 3.84 11.96 -8.90
C SER C 96 3.24 11.16 -7.75
N ARG C 97 1.98 11.41 -7.38
CA ARG C 97 1.39 10.76 -6.18
C ARG C 97 0.55 9.52 -6.55
N THR C 98 0.48 9.16 -7.82
CA THR C 98 -0.24 7.91 -8.22
C THR C 98 0.58 6.71 -7.76
N LEU C 99 -0.08 5.56 -7.52
CA LEU C 99 0.67 4.33 -7.15
C LEU C 99 1.82 4.11 -8.14
N LEU C 100 1.52 4.14 -9.45
CA LEU C 100 2.56 4.01 -10.46
C LEU C 100 3.68 5.02 -10.23
N GLY C 101 3.31 6.26 -9.94
CA GLY C 101 4.32 7.28 -9.70
C GLY C 101 5.12 7.01 -8.43
N GLU C 102 4.42 6.56 -7.38
CA GLU C 102 5.10 6.28 -6.08
C GLU C 102 6.10 5.15 -6.29
N ILE C 103 5.75 4.15 -7.10
CA ILE C 103 6.67 3.05 -7.37
C ILE C 103 7.83 3.53 -8.24
N LEU C 104 7.53 4.37 -9.23
CA LEU C 104 8.57 4.84 -10.16
C LEU C 104 9.57 5.75 -9.47
N ASN C 105 9.14 6.49 -8.46
CA ASN C 105 10.08 7.40 -7.80
C ASN C 105 11.14 6.68 -6.98
N TYR C 106 11.13 5.35 -6.92
CA TYR C 106 12.19 4.61 -6.25
C TYR C 106 13.24 4.09 -7.22
N TYR C 107 12.89 4.02 -8.52
CA TYR C 107 13.82 3.45 -9.54
C TYR C 107 14.16 4.52 -10.59
N THR C 108 15.44 4.65 -10.96
CA THR C 108 15.88 5.69 -11.93
C THR C 108 15.30 5.48 -13.34
N HIS C 109 15.23 4.24 -13.82
CA HIS C 109 14.79 4.02 -15.24
C HIS C 109 13.39 3.42 -15.31
N TRP C 110 12.72 3.54 -16.48
CA TRP C 110 11.42 2.91 -16.65
C TRP C 110 11.15 2.71 -18.14
N SER C 111 10.37 1.67 -18.43
CA SER C 111 9.98 1.38 -19.82
C SER C 111 8.69 0.59 -19.81
N GLY C 112 7.96 0.69 -20.92
CA GLY C 112 6.71 -0.02 -21.10
C GLY C 112 5.59 0.89 -21.53
N SER C 113 4.41 0.31 -21.67
CA SER C 113 3.21 1.02 -22.08
C SER C 113 2.49 1.59 -20.87
N ILE C 114 1.43 2.35 -21.13
CA ILE C 114 0.59 2.93 -20.08
C ILE C 114 -0.86 2.74 -20.46
N LYS C 115 -1.73 2.56 -19.45
CA LYS C 115 -3.19 2.39 -19.69
C LYS C 115 -3.98 3.44 -18.90
N LEU C 116 -4.63 4.39 -19.58
CA LEU C 116 -5.44 5.42 -18.96
C LEU C 116 -6.90 5.01 -19.11
N THR C 117 -7.54 4.68 -17.99
CA THR C 117 -8.94 4.30 -17.98
C THR C 117 -9.79 5.50 -17.55
N PHE C 118 -10.66 5.95 -18.46
CA PHE C 118 -11.53 7.09 -18.22
C PHE C 118 -12.92 6.59 -17.91
N MET C 119 -13.53 7.15 -16.87
CA MET C 119 -14.89 6.80 -16.47
C MET C 119 -15.75 8.07 -16.43
N PHE C 120 -16.85 8.05 -17.18
CA PHE C 120 -17.80 9.15 -17.20
C PHE C 120 -18.77 9.02 -16.03
N CYS C 121 -18.87 10.06 -15.21
CA CYS C 121 -19.68 9.98 -14.00
C CYS C 121 -20.88 10.90 -14.06
N GLY C 122 -21.47 11.07 -15.24
CA GLY C 122 -22.62 11.92 -15.42
C GLY C 122 -23.92 11.18 -15.20
N SER C 123 -25.01 11.82 -15.61
CA SER C 123 -26.35 11.25 -15.49
C SER C 123 -26.52 10.10 -16.47
N ALA C 124 -27.70 9.47 -16.42
CA ALA C 124 -27.99 8.34 -17.28
C ALA C 124 -28.50 8.76 -18.65
N MET C 125 -28.95 10.00 -18.81
CA MET C 125 -29.46 10.48 -20.08
C MET C 125 -28.45 11.32 -20.86
N ALA C 126 -27.39 11.80 -20.21
CA ALA C 126 -26.40 12.62 -20.88
C ALA C 126 -25.50 11.76 -21.75
N THR C 127 -25.39 12.13 -23.02
CA THR C 127 -24.56 11.43 -23.97
C THR C 127 -23.47 12.36 -24.47
N GLY C 128 -22.42 11.79 -25.04
CA GLY C 128 -21.35 12.60 -25.58
C GLY C 128 -20.27 11.79 -26.24
N LYS C 129 -19.36 12.50 -26.90
CA LYS C 129 -18.21 11.89 -27.54
C LYS C 129 -16.98 12.74 -27.23
N PHE C 130 -15.87 12.04 -26.99
CA PHE C 130 -14.60 12.72 -26.68
C PHE C 130 -13.50 12.11 -27.55
N LEU C 131 -12.43 12.87 -27.79
CA LEU C 131 -11.29 12.41 -28.58
C LEU C 131 -10.06 12.46 -27.67
N LEU C 132 -9.58 11.28 -27.26
CA LEU C 132 -8.34 11.21 -26.50
C LEU C 132 -7.18 11.13 -27.47
N ALA C 133 -6.09 11.83 -27.17
CA ALA C 133 -4.98 11.88 -28.11
C ALA C 133 -3.65 11.85 -27.38
N TYR C 134 -2.71 11.11 -27.95
CA TYR C 134 -1.32 11.08 -27.49
C TYR C 134 -0.44 11.49 -28.66
N SER C 135 0.31 12.57 -28.47
CA SER C 135 1.18 13.12 -29.49
C SER C 135 2.63 13.00 -29.04
N PRO C 136 3.46 12.22 -29.72
CA PRO C 136 4.88 12.15 -29.36
C PRO C 136 5.56 13.49 -29.59
N PRO C 137 6.75 13.69 -29.03
CA PRO C 137 7.43 14.98 -29.17
C PRO C 137 7.90 15.21 -30.60
N GLY C 138 8.60 16.32 -30.77
CA GLY C 138 9.05 16.76 -32.08
C GLY C 138 8.55 18.15 -32.38
N ALA C 139 7.30 18.40 -32.00
CA ALA C 139 6.69 19.72 -32.01
C ALA C 139 6.19 20.02 -30.60
N GLY C 140 5.58 21.18 -30.43
CA GLY C 140 5.06 21.58 -29.14
C GLY C 140 3.83 20.80 -28.76
N ALA C 141 3.08 21.34 -27.86
CA ALA C 141 1.84 20.63 -27.61
C ALA C 141 0.80 21.04 -28.64
N PRO C 142 -0.14 20.16 -28.97
CA PRO C 142 -1.23 20.54 -29.88
C PRO C 142 -2.10 21.61 -29.25
N THR C 143 -2.56 22.54 -30.08
CA THR C 143 -3.37 23.66 -29.61
C THR C 143 -4.80 23.62 -30.12
N LYS C 144 -5.07 22.87 -31.18
CA LYS C 144 -6.41 22.75 -31.73
C LYS C 144 -6.63 21.31 -32.17
N ARG C 145 -7.91 20.92 -32.23
CA ARG C 145 -8.24 19.52 -32.54
C ARG C 145 -7.73 19.08 -33.90
N VAL C 146 -7.60 19.98 -34.86
CA VAL C 146 -7.04 19.61 -36.16
C VAL C 146 -5.57 19.24 -36.06
N ASP C 147 -4.89 19.63 -34.98
CA ASP C 147 -3.50 19.28 -34.77
C ASP C 147 -3.30 18.04 -33.92
N ALA C 148 -4.15 17.79 -32.93
CA ALA C 148 -4.05 16.58 -32.13
C ALA C 148 -4.73 15.40 -32.80
N MET C 149 -5.53 15.64 -33.84
CA MET C 149 -6.15 14.55 -34.60
C MET C 149 -5.10 13.69 -35.31
N LEU C 150 -3.94 14.25 -35.64
CA LEU C 150 -2.94 13.53 -36.40
C LEU C 150 -2.10 12.59 -35.55
N GLY C 151 -2.18 12.68 -34.23
CA GLY C 151 -1.43 11.81 -33.33
C GLY C 151 -2.02 10.43 -33.24
N THR C 152 -1.88 9.83 -32.06
CA THR C 152 -2.52 8.54 -31.77
C THR C 152 -3.78 8.81 -30.96
N HIS C 153 -4.94 8.69 -31.60
CA HIS C 153 -6.18 9.14 -30.98
C HIS C 153 -7.22 8.04 -30.96
N VAL C 154 -8.08 8.08 -29.93
CA VAL C 154 -9.17 7.06 -29.81
C VAL C 154 -10.46 7.80 -29.48
N VAL C 155 -11.40 7.85 -30.43
CA VAL C 155 -12.72 8.50 -30.15
C VAL C 155 -13.45 7.66 -29.10
N TRP C 156 -14.05 8.30 -28.11
CA TRP C 156 -14.78 7.59 -27.03
C TRP C 156 -16.25 8.01 -27.06
N ASP C 157 -17.18 7.04 -27.09
CA ASP C 157 -18.63 7.36 -27.09
C ASP C 157 -19.21 6.99 -25.73
N VAL C 158 -19.89 7.94 -25.07
CA VAL C 158 -20.49 7.68 -23.73
C VAL C 158 -21.77 6.85 -23.92
N GLY C 159 -21.83 5.67 -23.28
CA GLY C 159 -22.99 4.80 -23.41
C GLY C 159 -23.18 3.90 -22.22
N LEU C 160 -23.79 2.73 -22.43
CA LEU C 160 -23.97 1.75 -21.37
C LEU C 160 -22.62 1.42 -20.73
N GLN C 161 -21.66 1.00 -21.55
CA GLN C 161 -20.30 0.84 -21.09
C GLN C 161 -19.73 2.20 -20.73
N SER C 162 -19.51 2.46 -19.44
CA SER C 162 -19.09 3.83 -19.02
C SER C 162 -17.57 3.94 -18.89
N SER C 163 -16.81 2.93 -19.36
CA SER C 163 -15.34 2.96 -19.19
C SER C 163 -14.63 2.83 -20.54
N CYS C 164 -13.63 3.68 -20.80
CA CYS C 164 -12.83 3.59 -22.06
C CYS C 164 -11.34 3.54 -21.70
N VAL C 165 -10.55 2.76 -22.43
CA VAL C 165 -9.10 2.61 -22.10
C VAL C 165 -8.25 3.23 -23.20
N LEU C 166 -7.33 4.13 -22.83
CA LEU C 166 -6.40 4.72 -23.82
C LEU C 166 -5.03 4.09 -23.60
N CYS C 167 -4.56 3.26 -24.55
CA CYS C 167 -3.30 2.57 -24.34
C CYS C 167 -2.17 3.38 -24.97
N ILE C 168 -1.48 4.16 -24.15
CA ILE C 168 -0.33 4.94 -24.59
C ILE C 168 0.80 3.95 -24.87
N PRO C 169 1.22 3.78 -26.13
CA PRO C 169 2.22 2.77 -26.45
C PRO C 169 3.63 3.25 -26.11
N TRP C 170 4.60 2.42 -26.50
CA TRP C 170 6.01 2.71 -26.26
C TRP C 170 6.65 3.13 -27.57
N ILE C 171 6.71 4.42 -27.82
CA ILE C 171 7.34 4.98 -29.00
C ILE C 171 8.49 5.85 -28.50
N SER C 172 9.71 5.31 -28.57
CA SER C 172 10.88 6.00 -28.04
C SER C 172 12.11 5.59 -28.85
N GLN C 173 13.19 6.34 -28.65
CA GLN C 173 14.46 6.04 -29.29
C GLN C 173 15.37 5.18 -28.42
N THR C 174 15.23 5.25 -27.11
CA THR C 174 16.05 4.49 -26.19
C THR C 174 15.21 3.39 -25.53
N HIS C 175 15.90 2.32 -25.14
CA HIS C 175 15.21 1.19 -24.51
C HIS C 175 14.57 1.59 -23.19
N TYR C 176 15.15 2.56 -22.49
CA TYR C 176 14.62 3.03 -21.22
C TYR C 176 14.57 4.55 -21.19
N ARG C 177 13.77 5.08 -20.29
CA ARG C 177 13.65 6.51 -20.07
C ARG C 177 13.90 6.82 -18.61
N TYR C 178 14.27 8.07 -18.34
CA TYR C 178 14.56 8.52 -16.98
C TYR C 178 13.26 8.95 -16.30
N VAL C 179 13.15 8.65 -15.01
CA VAL C 179 12.01 9.15 -14.25
C VAL C 179 12.17 10.64 -13.96
N ALA C 180 13.40 11.11 -13.82
CA ALA C 180 13.63 12.54 -13.67
C ALA C 180 13.55 13.23 -15.02
N SER C 181 13.37 14.55 -14.97
CA SER C 181 13.19 15.32 -16.20
C SER C 181 14.49 15.35 -16.99
N ASP C 182 14.38 15.10 -18.30
CA ASP C 182 15.53 15.19 -19.20
C ASP C 182 15.00 15.37 -20.61
N GLU C 183 15.44 16.44 -21.29
CA GLU C 183 14.91 16.73 -22.61
C GLU C 183 15.34 15.69 -23.63
N TYR C 184 16.40 14.95 -23.35
CA TYR C 184 16.86 13.93 -24.29
C TYR C 184 15.88 12.77 -24.38
N THR C 185 15.07 12.57 -23.34
CA THR C 185 14.11 11.47 -23.29
C THR C 185 12.72 12.00 -22.99
N ALA C 186 12.33 13.05 -23.73
CA ALA C 186 11.00 13.62 -23.57
C ALA C 186 9.93 12.60 -23.94
N GLY C 187 8.80 12.67 -23.22
CA GLY C 187 7.78 11.65 -23.36
C GLY C 187 6.78 11.90 -24.46
N GLY C 188 6.12 13.05 -24.42
CA GLY C 188 5.04 13.37 -25.33
C GLY C 188 4.00 14.19 -24.62
N PHE C 189 2.78 14.18 -25.15
CA PHE C 189 1.69 14.94 -24.56
C PHE C 189 0.38 14.20 -24.72
N ILE C 190 -0.42 14.14 -23.65
CA ILE C 190 -1.73 13.45 -23.70
C ILE C 190 -2.82 14.53 -23.60
N THR C 191 -3.64 14.70 -24.64
CA THR C 191 -4.66 15.78 -24.66
C THR C 191 -6.03 15.18 -24.98
N CYS C 192 -7.09 15.68 -24.33
CA CYS C 192 -8.47 15.19 -24.62
C CYS C 192 -9.30 16.33 -25.19
N TRP C 193 -10.02 16.09 -26.28
CA TRP C 193 -10.77 17.19 -26.96
C TRP C 193 -12.24 16.83 -27.12
N TYR C 194 -13.14 17.82 -27.04
CA TYR C 194 -14.57 17.58 -27.26
C TYR C 194 -14.76 17.14 -28.72
N GLN C 195 -15.43 16.00 -28.94
CA GLN C 195 -15.65 15.52 -30.29
C GLN C 195 -16.84 16.23 -30.93
N THR C 196 -18.04 16.04 -30.37
CA THR C 196 -19.20 16.78 -30.86
C THR C 196 -19.77 17.71 -29.79
N ASN C 197 -20.24 17.19 -28.65
CA ASN C 197 -20.86 17.98 -27.60
C ASN C 197 -21.28 17.03 -26.49
N ILE C 198 -21.86 17.63 -25.43
CA ILE C 198 -22.49 16.84 -24.32
C ILE C 198 -23.93 17.36 -24.26
N VAL C 199 -24.90 16.58 -24.76
CA VAL C 199 -26.30 17.00 -24.85
C VAL C 199 -27.09 16.28 -23.78
N VAL C 200 -27.96 17.03 -23.09
CA VAL C 200 -28.77 16.49 -22.01
C VAL C 200 -30.23 16.81 -22.28
N PRO C 201 -31.16 16.04 -21.73
CA PRO C 201 -32.58 16.38 -21.87
C PRO C 201 -32.99 17.46 -20.88
N ALA C 202 -34.28 17.78 -20.84
CA ALA C 202 -34.77 18.77 -19.90
C ALA C 202 -34.71 18.22 -18.48
N ASP C 203 -34.58 19.13 -17.51
CA ASP C 203 -34.55 18.81 -16.09
C ASP C 203 -33.41 17.85 -15.72
N ALA C 204 -32.29 17.93 -16.42
CA ALA C 204 -31.10 17.16 -16.09
C ALA C 204 -29.89 18.10 -16.09
N GLN C 205 -28.94 17.82 -15.21
CA GLN C 205 -27.79 18.71 -15.05
C GLN C 205 -26.92 18.68 -16.29
N SER C 206 -26.40 19.83 -16.67
CA SER C 206 -25.58 19.98 -17.87
C SER C 206 -24.09 20.03 -17.56
N SER C 207 -23.69 19.85 -16.30
CA SER C 207 -22.29 19.86 -15.90
C SER C 207 -21.97 18.55 -15.22
N CYS C 208 -21.17 17.72 -15.89
CA CYS C 208 -20.81 16.40 -15.40
C CYS C 208 -19.30 16.34 -15.15
N TYR C 209 -18.85 15.22 -14.61
CA TYR C 209 -17.45 15.04 -14.26
C TYR C 209 -16.94 13.71 -14.82
N ILE C 210 -15.63 13.66 -15.03
CA ILE C 210 -14.95 12.48 -15.57
C ILE C 210 -13.77 12.17 -14.65
N MET C 211 -13.55 10.88 -14.41
CA MET C 211 -12.43 10.43 -13.59
C MET C 211 -11.47 9.62 -14.44
N CYS C 212 -10.21 9.56 -14.00
CA CYS C 212 -9.15 8.92 -14.74
C CYS C 212 -8.28 8.07 -13.82
N PHE C 213 -7.97 6.86 -14.26
CA PHE C 213 -7.08 5.95 -13.55
C PHE C 213 -5.88 5.64 -14.44
N VAL C 214 -4.71 5.50 -13.83
CA VAL C 214 -3.48 5.17 -14.55
C VAL C 214 -3.02 3.80 -14.11
N SER C 215 -2.51 3.01 -15.05
CA SER C 215 -1.97 1.69 -14.74
C SER C 215 -0.90 1.34 -15.77
N ALA C 216 -0.13 0.30 -15.45
CA ALA C 216 0.98 -0.12 -16.34
C ALA C 216 0.52 -1.32 -17.17
N CYS C 217 1.10 -1.50 -18.35
CA CYS C 217 0.73 -2.65 -19.22
C CYS C 217 1.52 -3.88 -18.79
N ASN C 218 1.31 -5.01 -19.48
CA ASN C 218 2.01 -6.28 -19.14
C ASN C 218 3.51 -6.15 -19.40
N ASP C 219 3.94 -5.12 -20.14
CA ASP C 219 5.37 -4.98 -20.49
C ASP C 219 6.04 -3.81 -19.75
N PHE C 220 5.79 -3.63 -18.45
CA PHE C 220 6.48 -2.57 -17.73
C PHE C 220 7.71 -3.10 -17.04
N SER C 221 8.76 -2.27 -16.94
CA SER C 221 10.03 -2.67 -16.26
C SER C 221 10.64 -1.45 -15.58
N VAL C 222 11.41 -1.65 -14.51
CA VAL C 222 12.10 -0.52 -13.80
C VAL C 222 13.52 -0.96 -13.45
N ARG C 223 14.44 -0.03 -13.18
CA ARG C 223 15.87 -0.40 -12.95
C ARG C 223 16.59 0.65 -12.11
N LEU C 224 17.80 0.34 -11.61
CA LEU C 224 18.65 1.30 -10.84
C LEU C 224 17.93 1.89 -9.61
N LEU C 225 17.73 1.09 -8.57
CA LEU C 225 16.99 1.56 -7.36
C LEU C 225 17.68 2.79 -6.77
N LYS C 226 16.91 3.80 -6.38
CA LYS C 226 17.47 5.07 -5.81
C LYS C 226 16.56 5.51 -4.66
N ASP C 227 17.02 6.43 -3.82
CA ASP C 227 16.18 6.94 -2.71
C ASP C 227 15.08 7.86 -3.27
N THR C 228 13.93 7.89 -2.59
CA THR C 228 12.80 8.73 -3.02
C THR C 228 12.98 10.15 -2.49
N PRO C 229 12.68 11.17 -3.28
CA PRO C 229 12.86 12.55 -2.82
C PRO C 229 11.65 13.11 -2.09
N PHE C 230 10.71 12.25 -1.70
CA PHE C 230 9.49 12.69 -1.05
C PHE C 230 9.58 12.66 0.48
N ILE C 231 10.08 11.57 1.06
CA ILE C 231 10.09 11.46 2.55
C ILE C 231 11.37 12.08 3.12
N SER C 232 11.25 12.83 4.23
CA SER C 232 12.43 13.45 4.87
C SER C 232 12.25 13.54 6.40
N GLN C 233 13.34 13.47 7.16
CA GLN C 233 13.24 13.63 8.63
C GLN C 233 14.25 14.68 9.11
N ASN C 234 13.81 15.63 9.95
CA ASN C 234 14.75 16.63 10.53
C ASN C 234 15.60 15.93 11.60
N SER C 235 14.96 15.17 12.50
CA SER C 235 15.70 14.42 13.54
C SER C 235 15.09 13.03 13.70
N PHE C 236 15.74 12.13 14.44
CA PHE C 236 15.16 10.79 14.71
C PHE C 236 13.85 10.96 15.46
N PHE C 237 12.73 10.53 14.85
CA PHE C 237 11.40 10.64 15.50
C PHE C 237 11.43 9.89 16.82
N GLN C 238 10.83 10.46 17.87
CA GLN C 238 10.76 9.75 19.18
C GLN C 238 9.63 10.37 20.02
N GLY D 2 30.11 -30.83 -0.99
CA GLY D 2 28.70 -30.61 -1.26
C GLY D 2 28.40 -29.19 -1.71
N ALA D 3 28.87 -28.86 -2.92
CA ALA D 3 28.71 -27.51 -3.44
C ALA D 3 27.46 -27.41 -4.32
N GLN D 4 26.93 -26.20 -4.41
CA GLN D 4 25.77 -25.91 -5.25
C GLN D 4 26.19 -25.00 -6.38
N VAL D 5 25.99 -25.45 -7.62
CA VAL D 5 26.34 -24.68 -8.80
C VAL D 5 25.06 -24.12 -9.41
N SER D 6 25.05 -22.81 -9.66
CA SER D 6 23.84 -22.15 -10.21
C SER D 6 24.24 -21.20 -11.33
N THR D 7 23.27 -20.56 -12.00
CA THR D 7 23.59 -19.68 -13.15
C THR D 7 23.70 -18.22 -12.70
N GLN D 8 24.47 -17.41 -13.43
CA GLN D 8 24.62 -16.01 -13.09
C GLN D 8 23.62 -15.16 -13.86
N LYS D 9 23.30 -14.00 -13.29
CA LYS D 9 22.37 -13.05 -13.91
C LYS D 9 23.18 -12.16 -14.85
N THR D 10 23.10 -12.45 -16.15
CA THR D 10 23.82 -11.72 -17.17
C THR D 10 22.84 -11.12 -18.18
N GLY D 11 23.38 -10.32 -19.09
CA GLY D 11 22.58 -9.71 -20.11
C GLY D 11 22.02 -10.73 -21.09
N ALA D 12 21.18 -10.24 -21.99
CA ALA D 12 20.52 -11.07 -22.99
C ALA D 12 21.01 -10.71 -24.38
N HIS D 13 20.67 -11.57 -25.33
CA HIS D 13 21.01 -11.38 -26.74
C HIS D 13 22.51 -11.18 -26.95
N ILE D 25 29.99 -19.60 -16.99
CA ILE D 25 29.09 -18.55 -16.55
C ILE D 25 28.41 -18.99 -15.25
N HIS D 26 28.62 -20.26 -14.89
CA HIS D 26 28.06 -20.83 -13.66
C HIS D 26 28.87 -20.36 -12.47
N TYR D 27 28.20 -20.15 -11.34
CA TYR D 27 28.84 -19.75 -10.10
C TYR D 27 28.60 -20.80 -9.03
N THR D 28 29.47 -20.77 -8.02
CA THR D 28 29.53 -21.78 -6.98
C THR D 28 29.13 -21.18 -5.64
N ASN D 29 28.35 -21.92 -4.86
CA ASN D 29 27.86 -21.48 -3.56
C ASN D 29 27.89 -22.65 -2.60
N ILE D 30 28.49 -22.43 -1.44
CA ILE D 30 28.62 -23.44 -0.39
C ILE D 30 28.17 -22.84 0.92
N ASN D 31 27.33 -23.57 1.65
CA ASN D 31 26.86 -23.12 2.96
C ASN D 31 27.81 -23.61 4.04
N TYR D 32 28.28 -22.70 4.88
CA TYR D 32 29.23 -23.03 5.94
C TYR D 32 28.59 -23.09 7.32
N TYR D 33 27.56 -22.29 7.57
CA TYR D 33 26.96 -22.21 8.90
C TYR D 33 25.73 -23.11 8.96
N LYS D 34 25.54 -23.73 10.14
CA LYS D 34 24.53 -24.77 10.31
C LYS D 34 23.30 -24.26 11.04
N ASP D 35 22.86 -23.04 10.76
CA ASP D 35 21.65 -22.49 11.35
C ASP D 35 20.54 -22.25 10.33
N ALA D 36 20.85 -22.26 9.03
CA ALA D 36 19.87 -22.12 7.94
C ALA D 36 19.25 -20.73 7.91
N ALA D 37 19.59 -19.88 8.87
CA ALA D 37 19.23 -18.47 8.84
C ALA D 37 20.42 -17.59 8.52
N SER D 38 21.55 -18.18 8.15
CA SER D 38 22.76 -17.44 7.81
C SER D 38 23.06 -17.48 6.31
N ASN D 39 22.25 -18.16 5.52
CA ASN D 39 22.50 -18.25 4.10
C ASN D 39 22.40 -16.87 3.45
N SER D 40 23.01 -16.74 2.28
CA SER D 40 22.95 -15.50 1.52
C SER D 40 21.52 -15.26 1.04
N ALA D 41 21.22 -13.99 0.77
CA ALA D 41 19.86 -13.61 0.38
C ALA D 41 19.52 -14.21 -0.97
N THR D 42 18.39 -14.92 -1.03
CA THR D 42 17.95 -15.52 -2.28
C THR D 42 17.34 -14.45 -3.19
N ARG D 43 18.11 -14.04 -4.20
CA ARG D 43 17.72 -12.93 -5.06
C ARG D 43 17.01 -13.33 -6.33
N GLN D 44 17.08 -14.60 -6.73
CA GLN D 44 16.55 -15.05 -8.02
C GLN D 44 15.29 -15.87 -7.78
N ASP D 45 14.16 -15.18 -7.66
CA ASP D 45 12.86 -15.81 -7.48
C ASP D 45 11.83 -15.10 -8.36
N PHE D 46 12.17 -14.95 -9.65
CA PHE D 46 11.35 -14.15 -10.55
C PHE D 46 10.04 -14.85 -10.88
N ALA D 47 9.14 -14.91 -9.91
CA ALA D 47 7.81 -15.49 -10.10
C ALA D 47 6.76 -14.44 -9.72
N GLN D 48 5.66 -14.42 -10.46
CA GLN D 48 4.60 -13.45 -10.24
C GLN D 48 3.24 -14.09 -10.49
N ASP D 49 2.20 -13.40 -10.04
CA ASP D 49 0.81 -13.83 -10.19
C ASP D 49 -0.13 -12.65 -10.00
N PRO D 50 -0.24 -11.75 -10.98
CA PRO D 50 -1.03 -10.53 -10.80
C PRO D 50 -2.53 -10.76 -10.80
N GLY D 51 -3.00 -12.00 -10.78
CA GLY D 51 -4.44 -12.25 -10.79
C GLY D 51 -5.13 -11.91 -9.50
N LYS D 52 -4.38 -11.70 -8.41
CA LYS D 52 -4.99 -11.44 -7.08
C LYS D 52 -5.43 -9.97 -6.97
N PHE D 53 -4.63 -9.05 -7.51
CA PHE D 53 -4.90 -7.62 -7.39
C PHE D 53 -5.63 -7.06 -8.60
N THR D 54 -5.15 -7.41 -9.79
CA THR D 54 -5.85 -7.00 -11.04
C THR D 54 -6.82 -8.11 -11.42
N GLU D 55 -7.95 -7.79 -12.06
CA GLU D 55 -8.95 -8.80 -12.50
C GLU D 55 -9.32 -9.77 -11.35
N PRO D 56 -9.70 -9.31 -10.15
CA PRO D 56 -9.97 -10.21 -9.02
C PRO D 56 -11.45 -10.62 -8.95
N VAL D 57 -12.24 -10.25 -9.98
CA VAL D 57 -13.71 -10.53 -9.99
C VAL D 57 -14.02 -12.03 -9.92
N LYS D 58 -15.23 -12.38 -9.47
CA LYS D 58 -15.63 -13.80 -9.34
C LYS D 58 -15.91 -14.40 -10.72
N ASP D 59 -16.61 -13.66 -11.60
CA ASP D 59 -17.00 -14.22 -12.92
C ASP D 59 -16.01 -13.74 -13.97
N ILE D 60 -15.46 -14.66 -14.78
CA ILE D 60 -14.41 -14.27 -15.76
C ILE D 60 -14.99 -13.28 -16.78
N MET D 61 -14.24 -12.23 -17.11
CA MET D 61 -14.70 -11.21 -18.08
C MET D 61 -13.71 -11.17 -19.25
N ILE D 62 -14.07 -11.76 -20.39
CA ILE D 62 -13.18 -11.78 -21.55
C ILE D 62 -12.89 -10.35 -21.99
N LYS D 63 -11.71 -10.12 -22.56
CA LYS D 63 -11.30 -8.74 -22.93
C LYS D 63 -12.31 -8.09 -23.89
N SER D 64 -12.44 -8.61 -25.11
CA SER D 64 -13.32 -7.97 -26.12
C SER D 64 -14.78 -8.43 -25.96
N LEU D 65 -15.42 -8.09 -24.84
CA LEU D 65 -16.85 -8.45 -24.62
C LEU D 65 -17.53 -7.30 -23.89
N PRO D 66 -18.85 -7.05 -24.09
CA PRO D 66 -19.57 -6.04 -23.32
C PRO D 66 -19.49 -6.42 -21.83
N ALA D 67 -18.68 -5.72 -21.04
CA ALA D 67 -18.50 -6.08 -19.65
C ALA D 67 -19.82 -6.24 -18.92
N LEU D 68 -20.86 -5.52 -19.35
CA LEU D 68 -22.19 -5.57 -18.74
C LEU D 68 -23.22 -5.80 -19.82
N ASN D 69 -23.49 -7.06 -20.14
CA ASN D 69 -24.48 -7.40 -21.15
C ASN D 69 -25.87 -7.43 -20.55
C1 PLM E . 10.02 -4.98 13.28
O1 PLM E . 9.42 -3.97 12.87
O2 PLM E . 9.85 -6.12 12.80
C2 PLM E . 10.98 -4.82 14.45
C3 PLM E . 11.71 -6.04 14.88
C4 PLM E . 12.87 -6.40 13.97
C5 PLM E . 13.72 -7.54 14.47
C6 PLM E . 14.52 -7.22 15.71
C7 PLM E . 15.28 -8.39 16.26
C8 PLM E . 16.29 -8.04 17.33
C9 PLM E . 17.37 -7.10 16.86
CA PLM E . 18.54 -6.95 17.82
CB PLM E . 19.33 -8.21 18.04
CC PLM E . 20.77 -7.99 18.41
CD PLM E . 21.54 -9.25 18.71
CE PLM E . 23.03 -9.07 18.79
CF PLM E . 23.51 -8.06 19.81
CG PLM E . 25.01 -8.06 20.00
#